data_7SWK
#
_entry.id   7SWK
#
_cell.length_a   86.350
_cell.length_b   165.690
_cell.length_c   167.890
_cell.angle_alpha   90.000
_cell.angle_beta   90.000
_cell.angle_gamma   90.000
#
_symmetry.space_group_name_H-M   'C 2 2 21'
#
loop_
_entity.id
_entity.type
_entity.pdbx_description
1 polymer 'Betaine aldehyde dehydrogenase'
2 non-polymer (4S)-2-METHYL-2,4-PENTANEDIOL
3 non-polymer 'ACETATE ION'
4 non-polymer (4R)-2-METHYLPENTANE-2,4-DIOL
5 water water
#
_entity_poly.entity_id   1
_entity_poly.type   'polypeptide(L)'
_entity_poly.pdbx_seq_one_letter_code
;MAHHHHHHMSRMAEQQLYINGGYTSATSGRTFETINPATGEVLATVQAAGREDVDRAVESAQRGQKIWAAMTAMERSRIL
RRAVDLLRQRNDELARLETLDTGKPLSETAAVDIVTGADVLEYYAGLIPALEGSQIPLRDSSFVYTRREPLGVVAGIGAW
NYPIQIALWKSAPALAAGNAMIFKPSEVTPLTALKLAEIYSEAGLPDGVFNVLPGIGAETGQYLTEHPDIAKISFTGGVA
SGKKVMANSAASSLKEVTMELGGKSPLIIADDADLDLAADIAMMANFYSSGQVCTNGTRVFVPAKQKAEFEHKILERVAR
IRPGDLFADDTNFGPLVSFPHRDNVLRYIESGKREGARLLCGGEALKGDGFDNGSWVAPTVFTDCSDEMTIVREEIFGPV
MSILSYADEAEVIRRANATEYGLAAGVVTPNLNRAHRIIHQLEAGICWINSWGESPAEMPVGGYKHSGIGRENGVMTLQS
YTQVKSIQVEMGKFQSIF
;
_entity_poly.pdbx_strand_id   A,B
#
loop_
_chem_comp.id
_chem_comp.type
_chem_comp.name
_chem_comp.formula
ACT non-polymer 'ACETATE ION' 'C2 H3 O2 -1'
MPD non-polymer (4S)-2-METHYL-2,4-PENTANEDIOL 'C6 H14 O2'
MRD non-polymer (4R)-2-METHYLPENTANE-2,4-DIOL 'C6 H14 O2'
#
# COMPACT_ATOMS: atom_id res chain seq x y z
N MET A 12 18.95 27.21 23.80
CA MET A 12 19.27 25.79 23.77
C MET A 12 20.51 25.52 22.92
N ALA A 13 21.25 24.47 23.27
CA ALA A 13 22.51 24.16 22.60
C ALA A 13 22.25 23.61 21.20
N GLU A 14 23.30 23.58 20.38
CA GLU A 14 23.20 23.05 19.02
C GLU A 14 22.81 21.58 19.05
N GLN A 15 21.68 21.26 18.40
CA GLN A 15 21.06 19.95 18.52
C GLN A 15 21.67 18.99 17.49
N GLN A 16 22.20 17.87 17.97
CA GLN A 16 22.82 16.88 17.12
C GLN A 16 21.80 15.84 16.65
N LEU A 17 22.24 14.97 15.75
CA LEU A 17 21.42 13.84 15.36
C LEU A 17 21.36 12.84 16.51
N TYR A 18 20.33 12.01 16.52
CA TYR A 18 20.23 10.92 17.49
C TYR A 18 20.34 9.59 16.75
N ILE A 19 21.49 8.93 16.86
CA ILE A 19 21.75 7.67 16.18
C ILE A 19 22.39 6.72 17.18
N ASN A 20 21.87 5.50 17.24
CA ASN A 20 22.46 4.40 18.02
C ASN A 20 22.52 4.71 19.51
N GLY A 21 21.44 5.27 20.04
CA GLY A 21 21.31 5.43 21.48
C GLY A 21 21.95 6.66 22.07
N GLY A 22 22.31 7.64 21.25
CA GLY A 22 22.92 8.83 21.79
C GLY A 22 23.02 9.87 20.71
N TYR A 23 23.48 11.05 21.09
CA TYR A 23 23.63 12.14 20.12
C TYR A 23 24.96 12.02 19.39
N THR A 24 24.95 12.42 18.11
CA THR A 24 26.13 12.34 17.27
C THR A 24 26.08 13.47 16.25
N SER A 25 27.25 14.05 15.96
CA SER A 25 27.29 15.17 15.03
C SER A 25 26.97 14.73 13.61
N ALA A 26 26.19 15.54 12.92
CA ALA A 26 25.97 15.36 11.49
C ALA A 26 27.26 15.60 10.70
N THR A 27 27.32 15.01 9.51
CA THR A 27 28.46 15.19 8.62
C THR A 27 28.05 15.91 7.33
N SER A 28 26.85 16.49 7.30
CA SER A 28 26.37 17.21 6.14
C SER A 28 27.04 18.56 5.97
N GLY A 29 27.61 19.11 7.05
CA GLY A 29 28.05 20.48 7.04
C GLY A 29 26.93 21.50 7.11
N ARG A 30 25.70 21.07 7.38
CA ARG A 30 24.54 21.94 7.32
CA ARG A 30 24.54 21.95 7.32
C ARG A 30 23.82 22.02 8.66
N THR A 31 23.36 23.22 9.00
CA THR A 31 22.49 23.42 10.16
C THR A 31 21.30 24.27 9.72
N PHE A 32 20.26 24.27 10.55
CA PHE A 32 19.13 25.16 10.34
C PHE A 32 18.62 25.64 11.70
N GLU A 33 17.76 26.64 11.68
CA GLU A 33 17.21 27.20 12.90
C GLU A 33 15.72 26.88 13.00
N THR A 34 15.27 26.57 14.21
CA THR A 34 13.84 26.54 14.48
C THR A 34 13.47 27.76 15.31
N ILE A 35 12.33 28.37 14.95
CA ILE A 35 11.87 29.64 15.50
C ILE A 35 10.73 29.39 16.48
N ASN A 36 10.65 30.23 17.52
CA ASN A 36 9.49 30.31 18.40
C ASN A 36 8.43 31.17 17.68
N PRO A 37 7.34 30.58 17.21
CA PRO A 37 6.36 31.35 16.41
C PRO A 37 5.68 32.47 17.18
N ALA A 38 5.73 32.46 18.51
CA ALA A 38 5.10 33.51 19.29
C ALA A 38 5.98 34.74 19.48
N THR A 39 7.31 34.59 19.37
CA THR A 39 8.23 35.69 19.60
C THR A 39 9.14 35.98 18.42
N GLY A 40 9.30 35.06 17.48
CA GLY A 40 10.26 35.18 16.40
C GLY A 40 11.68 34.84 16.79
N GLU A 41 11.94 34.52 18.04
CA GLU A 41 13.29 34.20 18.49
C GLU A 41 13.71 32.81 18.02
N VAL A 42 15.01 32.66 17.79
CA VAL A 42 15.59 31.37 17.49
C VAL A 42 15.56 30.52 18.76
N LEU A 43 14.92 29.35 18.68
CA LEU A 43 14.93 28.40 19.80
C LEU A 43 16.21 27.58 19.84
N ALA A 44 16.71 27.15 18.67
CA ALA A 44 17.87 26.28 18.61
C ALA A 44 18.41 26.26 17.21
N THR A 45 19.72 26.07 17.10
CA THR A 45 20.36 25.65 15.87
C THR A 45 20.38 24.12 15.86
N VAL A 46 19.98 23.54 14.74
CA VAL A 46 19.81 22.09 14.64
C VAL A 46 20.63 21.59 13.47
N GLN A 47 21.36 20.49 13.68
CA GLN A 47 22.13 19.87 12.60
C GLN A 47 21.20 19.10 11.68
N ALA A 48 21.52 19.14 10.38
CA ALA A 48 20.75 18.46 9.35
C ALA A 48 21.49 17.21 8.89
N ALA A 49 20.78 16.08 8.83
CA ALA A 49 21.40 14.82 8.42
C ALA A 49 21.62 14.79 6.92
N GLY A 50 22.86 14.52 6.50
CA GLY A 50 23.19 14.37 5.10
C GLY A 50 23.10 12.94 4.64
N ARG A 51 23.59 12.69 3.42
CA ARG A 51 23.45 11.38 2.81
C ARG A 51 24.19 10.30 3.61
N GLU A 52 25.44 10.58 4.02
CA GLU A 52 26.17 9.60 4.82
C GLU A 52 25.53 9.40 6.18
N ASP A 53 24.93 10.45 6.74
CA ASP A 53 24.25 10.32 8.04
C ASP A 53 23.05 9.39 7.94
N VAL A 54 22.29 9.47 6.84
CA VAL A 54 21.20 8.53 6.66
C VAL A 54 21.74 7.11 6.57
N ASP A 55 22.86 6.94 5.85
CA ASP A 55 23.51 5.63 5.76
C ASP A 55 23.89 5.10 7.14
N ARG A 56 24.50 5.96 7.95
CA ARG A 56 24.86 5.61 9.33
C ARG A 56 23.64 5.18 10.12
N ALA A 57 22.53 5.90 9.96
CA ALA A 57 21.32 5.57 10.70
C ALA A 57 20.73 4.24 10.26
N VAL A 58 20.79 3.95 8.96
CA VAL A 58 20.22 2.68 8.49
C VAL A 58 21.05 1.51 8.99
N GLU A 59 22.38 1.64 8.94
CA GLU A 59 23.24 0.56 9.45
C GLU A 59 23.02 0.34 10.94
N SER A 60 22.89 1.44 11.69
CA SER A 60 22.54 1.36 13.11
C SER A 60 21.20 0.66 13.31
N ALA A 61 20.20 1.06 12.53
CA ALA A 61 18.86 0.49 12.64
C ALA A 61 18.87 -1.00 12.30
N GLN A 62 19.64 -1.39 11.29
CA GLN A 62 19.68 -2.80 10.91
C GLN A 62 20.18 -3.66 12.07
N ARG A 63 21.26 -3.23 12.72
CA ARG A 63 21.82 -4.00 13.82
CA ARG A 63 21.81 -4.02 13.82
C ARG A 63 20.89 -3.99 15.03
N GLY A 64 20.28 -2.84 15.32
CA GLY A 64 19.36 -2.76 16.45
C GLY A 64 18.11 -3.58 16.23
N GLN A 65 17.58 -3.57 15.00
CA GLN A 65 16.33 -4.27 14.72
C GLN A 65 16.48 -5.76 14.99
N LYS A 66 17.64 -6.32 14.68
CA LYS A 66 17.84 -7.75 14.87
C LYS A 66 17.74 -8.11 16.35
N ILE A 67 18.33 -7.29 17.22
CA ILE A 67 18.26 -7.53 18.66
C ILE A 67 16.82 -7.37 19.16
N TRP A 68 16.16 -6.30 18.72
CA TRP A 68 14.79 -6.01 19.10
C TRP A 68 13.85 -7.14 18.71
N ALA A 69 13.98 -7.62 17.46
CA ALA A 69 13.10 -8.67 16.99
C ALA A 69 13.41 -10.02 17.62
N ALA A 70 14.62 -10.22 18.12
CA ALA A 70 14.95 -11.49 18.77
C ALA A 70 14.40 -11.60 20.19
N MET A 71 14.02 -10.48 20.80
CA MET A 71 13.37 -10.52 22.12
C MET A 71 12.02 -11.23 22.02
N THR A 72 11.47 -11.60 23.18
CA THR A 72 10.12 -12.13 23.18
C THR A 72 9.13 -10.98 22.98
N ALA A 73 7.89 -11.35 22.63
CA ALA A 73 6.86 -10.33 22.47
C ALA A 73 6.69 -9.52 23.75
N MET A 74 6.70 -10.18 24.91
CA MET A 74 6.44 -9.47 26.15
C MET A 74 7.63 -8.63 26.57
N GLU A 75 8.85 -9.07 26.22
CA GLU A 75 10.00 -8.20 26.46
C GLU A 75 9.87 -6.88 25.71
N ARG A 76 9.42 -6.94 24.45
CA ARG A 76 9.18 -5.70 23.71
C ARG A 76 8.06 -4.89 24.35
N SER A 77 6.98 -5.57 24.76
CA SER A 77 5.86 -4.87 25.38
CA SER A 77 5.86 -4.88 25.39
C SER A 77 6.31 -4.09 26.61
N ARG A 78 7.12 -4.72 27.47
CA ARG A 78 7.52 -4.08 28.72
C ARG A 78 8.37 -2.84 28.45
N ILE A 79 9.22 -2.89 27.43
CA ILE A 79 10.05 -1.73 27.11
C ILE A 79 9.19 -0.57 26.61
N LEU A 80 8.25 -0.84 25.70
CA LEU A 80 7.39 0.25 25.23
C LEU A 80 6.51 0.79 26.36
N ARG A 81 6.08 -0.08 27.28
CA ARG A 81 5.30 0.38 28.43
CA ARG A 81 5.29 0.41 28.41
C ARG A 81 6.12 1.28 29.35
N ARG A 82 7.41 0.97 29.51
CA ARG A 82 8.26 1.83 30.33
C ARG A 82 8.41 3.20 29.68
N ALA A 83 8.48 3.24 28.34
CA ALA A 83 8.49 4.52 27.64
C ALA A 83 7.18 5.28 27.86
N VAL A 84 6.05 4.58 27.86
CA VAL A 84 4.79 5.25 28.18
C VAL A 84 4.88 5.90 29.56
N ASP A 85 5.38 5.15 30.55
CA ASP A 85 5.46 5.68 31.91
C ASP A 85 6.28 6.96 31.95
N LEU A 86 7.40 6.98 31.24
CA LEU A 86 8.25 8.17 31.21
C LEU A 86 7.55 9.33 30.50
N LEU A 87 6.79 9.04 29.43
CA LEU A 87 6.06 10.11 28.74
C LEU A 87 4.98 10.70 29.65
N ARG A 88 4.31 9.88 30.45
CA ARG A 88 3.33 10.43 31.38
C ARG A 88 4.01 11.32 32.42
N GLN A 89 5.14 10.87 32.95
CA GLN A 89 5.85 11.63 33.97
CA GLN A 89 5.85 11.63 33.97
C GLN A 89 6.32 12.97 33.43
N ARG A 90 6.72 13.02 32.16
CA ARG A 90 7.32 14.20 31.56
CA ARG A 90 7.32 14.20 31.56
C ARG A 90 6.33 14.95 30.66
N ASN A 91 5.04 14.65 30.78
CA ASN A 91 4.02 15.26 29.93
C ASN A 91 4.11 16.78 29.91
N ASP A 92 4.17 17.41 31.09
CA ASP A 92 4.13 18.86 31.14
C ASP A 92 5.42 19.47 30.56
N GLU A 93 6.57 18.89 30.87
CA GLU A 93 7.82 19.39 30.31
C GLU A 93 7.83 19.28 28.79
N LEU A 94 7.37 18.15 28.25
CA LEU A 94 7.35 17.95 26.80
C LEU A 94 6.33 18.88 26.16
N ALA A 95 5.20 19.10 26.83
CA ALA A 95 4.19 20.01 26.30
C ALA A 95 4.71 21.44 26.20
N ARG A 96 5.45 21.89 27.21
CA ARG A 96 6.01 23.24 27.15
CA ARG A 96 6.03 23.24 27.16
C ARG A 96 6.99 23.37 25.99
N LEU A 97 7.84 22.37 25.77
CA LEU A 97 8.73 22.40 24.61
C LEU A 97 7.93 22.43 23.31
N GLU A 98 6.88 21.61 23.22
CA GLU A 98 6.06 21.58 22.01
C GLU A 98 5.38 22.92 21.75
N THR A 99 4.92 23.58 22.82
CA THR A 99 4.35 24.92 22.68
C THR A 99 5.39 25.91 22.17
N LEU A 100 6.61 25.86 22.70
CA LEU A 100 7.65 26.77 22.21
C LEU A 100 7.95 26.53 20.74
N ASP A 101 7.94 25.27 20.31
CA ASP A 101 8.33 24.93 18.94
C ASP A 101 7.21 25.15 17.94
N THR A 102 5.94 24.99 18.35
CA THR A 102 4.82 25.03 17.42
C THR A 102 3.96 26.27 17.51
N GLY A 103 3.98 26.98 18.63
CA GLY A 103 3.01 28.05 18.86
C GLY A 103 1.64 27.59 19.33
N LYS A 104 1.44 26.30 19.57
CA LYS A 104 0.15 25.86 20.05
C LYS A 104 0.03 26.11 21.55
N PRO A 105 -1.15 26.55 22.03
CA PRO A 105 -1.32 26.83 23.45
C PRO A 105 -0.96 25.63 24.33
N LEU A 106 -0.40 25.92 25.50
CA LEU A 106 -0.11 24.86 26.46
C LEU A 106 -1.39 24.16 26.90
N SER A 107 -2.52 24.87 26.88
CA SER A 107 -3.81 24.25 27.19
C SER A 107 -4.12 23.11 26.23
N GLU A 108 -3.57 23.14 25.02
CA GLU A 108 -3.67 22.03 24.08
C GLU A 108 -2.56 21.00 24.28
N THR A 109 -1.31 21.44 24.26
CA THR A 109 -0.19 20.51 24.22
C THR A 109 -0.12 19.67 25.48
N ALA A 110 -0.47 20.26 26.64
CA ALA A 110 -0.44 19.53 27.90
C ALA A 110 -1.59 18.56 28.05
N ALA A 111 -2.63 18.69 27.22
CA ALA A 111 -3.81 17.84 27.34
C ALA A 111 -3.98 16.84 26.20
N VAL A 112 -3.36 17.07 25.04
CA VAL A 112 -3.60 16.29 23.84
C VAL A 112 -2.33 15.65 23.29
N ASP A 113 -1.30 16.45 23.02
CA ASP A 113 -0.21 16.01 22.15
C ASP A 113 0.50 14.78 22.72
N ILE A 114 1.00 14.89 23.95
CA ILE A 114 1.68 13.74 24.55
C ILE A 114 0.67 12.74 25.10
N VAL A 115 -0.48 13.22 25.59
CA VAL A 115 -1.47 12.28 26.15
C VAL A 115 -1.90 11.27 25.09
N THR A 116 -2.28 11.76 23.91
CA THR A 116 -2.79 10.88 22.85
C THR A 116 -1.67 10.19 22.08
N GLY A 117 -0.48 10.82 22.01
CA GLY A 117 0.67 10.11 21.48
C GLY A 117 1.02 8.90 22.33
N ALA A 118 1.12 9.09 23.63
CA ALA A 118 1.44 7.98 24.52
C ALA A 118 0.27 6.99 24.62
N ASP A 119 -0.98 7.48 24.49
CA ASP A 119 -2.13 6.58 24.41
C ASP A 119 -1.94 5.52 23.32
N VAL A 120 -1.41 5.93 22.17
CA VAL A 120 -1.22 5.01 21.05
C VAL A 120 -0.03 4.09 21.31
N LEU A 121 1.04 4.61 21.89
CA LEU A 121 2.15 3.74 22.25
C LEU A 121 1.70 2.69 23.28
N GLU A 122 0.93 3.13 24.28
CA GLU A 122 0.42 2.21 25.30
C GLU A 122 -0.48 1.14 24.68
N TYR A 123 -1.33 1.56 23.74
CA TYR A 123 -2.18 0.63 23.01
C TYR A 123 -1.37 -0.45 22.31
N TYR A 124 -0.39 -0.04 21.49
CA TYR A 124 0.36 -1.03 20.72
C TYR A 124 1.26 -1.87 21.62
N ALA A 125 1.78 -1.30 22.71
CA ALA A 125 2.59 -2.10 23.62
C ALA A 125 1.82 -3.32 24.11
N GLY A 126 0.53 -3.14 24.42
CA GLY A 126 -0.26 -4.27 24.90
C GLY A 126 -0.61 -5.28 23.81
N LEU A 127 -0.58 -4.87 22.54
CA LEU A 127 -1.01 -5.74 21.46
C LEU A 127 0.10 -6.65 20.93
N ILE A 128 1.37 -6.38 21.25
CA ILE A 128 2.47 -7.16 20.68
C ILE A 128 2.25 -8.67 20.83
N PRO A 129 1.91 -9.19 22.01
CA PRO A 129 1.73 -10.65 22.11
C PRO A 129 0.58 -11.20 21.28
N ALA A 130 -0.33 -10.35 20.77
CA ALA A 130 -1.47 -10.80 19.99
C ALA A 130 -1.20 -10.82 18.49
N LEU A 131 -0.02 -10.41 18.05
CA LEU A 131 0.30 -10.40 16.63
C LEU A 131 0.53 -11.84 16.19
N GLU A 132 -0.37 -12.39 15.37
CA GLU A 132 -0.35 -13.80 15.02
C GLU A 132 -0.45 -13.97 13.52
N GLY A 133 0.17 -15.04 13.01
CA GLY A 133 -0.07 -15.50 11.66
C GLY A 133 -1.23 -16.47 11.61
N SER A 134 -1.33 -17.21 10.52
CA SER A 134 -2.43 -18.13 10.29
CA SER A 134 -2.43 -18.13 10.31
C SER A 134 -1.90 -19.52 9.99
N GLN A 135 -2.81 -20.49 10.01
CA GLN A 135 -2.53 -21.85 9.58
C GLN A 135 -3.70 -22.32 8.74
N ILE A 136 -3.42 -22.92 7.59
CA ILE A 136 -4.44 -23.32 6.63
C ILE A 136 -4.18 -24.77 6.23
N PRO A 137 -5.06 -25.72 6.54
CA PRO A 137 -4.86 -27.09 6.08
C PRO A 137 -5.25 -27.20 4.61
N LEU A 138 -4.38 -27.80 3.81
CA LEU A 138 -4.69 -28.04 2.40
C LEU A 138 -5.27 -29.43 2.17
N ARG A 139 -4.69 -30.41 2.84
CA ARG A 139 -5.02 -31.81 2.72
C ARG A 139 -4.31 -32.49 3.89
N ASP A 140 -4.55 -33.80 4.07
CA ASP A 140 -3.91 -34.47 5.19
C ASP A 140 -2.39 -34.35 5.12
N SER A 141 -1.82 -34.32 3.92
CA SER A 141 -0.38 -34.34 3.75
C SER A 141 0.26 -32.97 3.50
N SER A 142 -0.49 -31.88 3.59
CA SER A 142 0.16 -30.59 3.36
C SER A 142 -0.62 -29.49 4.05
N PHE A 143 0.10 -28.52 4.63
CA PHE A 143 -0.56 -27.37 5.22
C PHE A 143 0.31 -26.14 5.01
N VAL A 144 -0.32 -24.98 5.20
CA VAL A 144 0.33 -23.68 5.07
C VAL A 144 0.26 -22.98 6.43
N TYR A 145 1.34 -22.26 6.79
CA TYR A 145 1.23 -21.31 7.88
C TYR A 145 1.87 -20.00 7.44
N THR A 146 1.43 -18.90 8.05
CA THR A 146 1.99 -17.60 7.73
C THR A 146 2.69 -17.02 8.95
N ARG A 147 3.69 -16.18 8.67
CA ARG A 147 4.39 -15.41 9.68
C ARG A 147 4.19 -13.94 9.36
N ARG A 148 3.96 -13.13 10.38
CA ARG A 148 3.90 -11.68 10.24
C ARG A 148 5.28 -11.18 10.61
N GLU A 149 6.14 -11.02 9.59
CA GLU A 149 7.52 -10.71 9.89
C GLU A 149 7.74 -9.20 9.87
N PRO A 150 8.72 -8.70 10.64
CA PRO A 150 9.07 -7.29 10.53
C PRO A 150 9.45 -6.95 9.10
N LEU A 151 9.12 -5.72 8.69
CA LEU A 151 9.65 -5.17 7.45
C LEU A 151 11.16 -4.96 7.54
N GLY A 152 11.67 -4.71 8.74
CA GLY A 152 13.08 -4.44 8.95
C GLY A 152 13.32 -3.02 9.42
N VAL A 153 13.89 -2.19 8.56
CA VAL A 153 14.10 -0.78 8.87
C VAL A 153 13.05 0.02 8.10
N VAL A 154 12.29 0.83 8.82
CA VAL A 154 11.27 1.67 8.20
C VAL A 154 11.60 3.13 8.54
N ALA A 155 11.02 4.04 7.77
CA ALA A 155 11.21 5.46 8.00
C ALA A 155 9.88 6.16 8.18
N GLY A 156 9.83 7.09 9.14
CA GLY A 156 8.68 7.96 9.32
C GLY A 156 9.11 9.40 9.10
N ILE A 157 8.26 10.15 8.41
CA ILE A 157 8.51 11.56 8.13
C ILE A 157 7.33 12.34 8.68
N GLY A 158 7.59 13.17 9.70
CA GLY A 158 6.51 13.83 10.42
C GLY A 158 6.17 15.21 9.89
N ALA A 159 5.03 15.72 10.33
CA ALA A 159 4.58 17.06 10.01
C ALA A 159 4.76 17.96 11.21
N TRP A 160 4.61 19.27 10.99
CA TRP A 160 4.91 20.22 12.05
C TRP A 160 3.74 20.53 12.98
N ASN A 161 2.51 20.11 12.66
CA ASN A 161 1.40 20.60 13.48
C ASN A 161 1.23 19.80 14.77
N TYR A 162 1.54 18.51 14.77
CA TYR A 162 1.51 17.68 15.98
C TYR A 162 2.80 16.88 16.04
N PRO A 163 3.93 17.54 16.35
CA PRO A 163 5.23 16.88 16.13
C PRO A 163 5.44 15.61 16.94
N ILE A 164 5.28 15.68 18.26
CA ILE A 164 5.58 14.47 19.03
C ILE A 164 4.44 13.46 18.91
N GLN A 165 3.21 13.92 18.72
CA GLN A 165 2.10 12.98 18.54
C GLN A 165 2.31 12.14 17.29
N ILE A 166 2.69 12.79 16.18
CA ILE A 166 2.92 12.05 14.95
C ILE A 166 4.10 11.11 15.12
N ALA A 167 5.16 11.58 15.81
CA ALA A 167 6.32 10.70 16.04
C ALA A 167 5.89 9.45 16.79
N LEU A 168 4.97 9.60 17.75
CA LEU A 168 4.51 8.45 18.52
C LEU A 168 3.56 7.57 17.71
N TRP A 169 2.68 8.18 16.91
CA TRP A 169 1.74 7.38 16.13
C TRP A 169 2.42 6.57 15.04
N LYS A 170 3.56 7.04 14.53
CA LYS A 170 4.28 6.26 13.53
C LYS A 170 5.21 5.24 14.20
N SER A 171 5.96 5.67 15.22
CA SER A 171 6.94 4.77 15.82
C SER A 171 6.28 3.66 16.65
N ALA A 172 5.12 3.94 17.26
CA ALA A 172 4.53 2.94 18.15
C ALA A 172 4.17 1.65 17.42
N PRO A 173 3.36 1.66 16.35
CA PRO A 173 3.09 0.37 15.68
C PRO A 173 4.32 -0.17 14.96
N ALA A 174 5.18 0.70 14.45
CA ALA A 174 6.40 0.23 13.79
C ALA A 174 7.29 -0.55 14.75
N LEU A 175 7.55 0.01 15.94
CA LEU A 175 8.35 -0.69 16.94
C LEU A 175 7.64 -1.93 17.46
N ALA A 176 6.33 -1.80 17.70
CA ALA A 176 5.58 -2.93 18.26
C ALA A 176 5.55 -4.12 17.30
N ALA A 177 5.65 -3.86 15.99
CA ALA A 177 5.68 -4.91 14.98
C ALA A 177 7.07 -5.52 14.79
N GLY A 178 8.06 -5.04 15.53
CA GLY A 178 9.39 -5.61 15.49
C GLY A 178 10.38 -4.89 14.60
N ASN A 179 10.03 -3.70 14.10
CA ASN A 179 10.90 -2.93 13.22
C ASN A 179 11.75 -1.96 14.00
N ALA A 180 12.80 -1.46 13.33
CA ALA A 180 13.45 -0.21 13.71
C ALA A 180 12.90 0.91 12.85
N MET A 181 12.74 2.10 13.41
CA MET A 181 12.29 3.26 12.66
C MET A 181 13.32 4.36 12.71
N ILE A 182 13.64 4.94 11.55
CA ILE A 182 14.35 6.20 11.46
C ILE A 182 13.28 7.26 11.24
N PHE A 183 13.24 8.26 12.11
CA PHE A 183 12.19 9.28 12.06
C PHE A 183 12.81 10.62 11.71
N LYS A 184 12.22 11.31 10.72
CA LYS A 184 12.62 12.68 10.42
C LYS A 184 11.50 13.63 10.83
N PRO A 185 11.70 14.49 11.81
CA PRO A 185 10.68 15.48 12.15
C PRO A 185 10.70 16.60 11.12
N SER A 186 9.60 17.35 11.08
CA SER A 186 9.60 18.56 10.26
C SER A 186 10.71 19.50 10.68
N GLU A 187 11.35 20.14 9.68
CA GLU A 187 12.34 21.15 9.99
C GLU A 187 11.75 22.32 10.77
N VAL A 188 10.43 22.50 10.69
CA VAL A 188 9.80 23.59 11.43
C VAL A 188 9.74 23.28 12.92
N THR A 189 9.68 21.99 13.29
CA THR A 189 9.41 21.56 14.66
C THR A 189 10.24 20.31 15.00
N PRO A 190 11.57 20.44 15.03
CA PRO A 190 12.42 19.24 15.19
C PRO A 190 12.62 18.78 16.63
N LEU A 191 12.18 19.54 17.64
CA LEU A 191 12.79 19.40 18.95
C LEU A 191 12.22 18.25 19.78
N THR A 192 10.90 18.02 19.74
CA THR A 192 10.37 17.00 20.65
C THR A 192 10.69 15.59 20.17
N ALA A 193 10.89 15.36 18.87
CA ALA A 193 11.23 14.01 18.43
C ALA A 193 12.58 13.56 18.99
N LEU A 194 13.51 14.50 19.15
CA LEU A 194 14.79 14.16 19.79
C LEU A 194 14.59 13.75 21.25
N LYS A 195 13.70 14.46 21.97
CA LYS A 195 13.41 14.07 23.34
C LYS A 195 12.77 12.69 23.40
N LEU A 196 11.89 12.39 22.44
CA LEU A 196 11.29 11.06 22.39
C LEU A 196 12.36 9.98 22.23
N ALA A 197 13.37 10.25 21.42
CA ALA A 197 14.42 9.25 21.23
C ALA A 197 15.19 9.00 22.52
N GLU A 198 15.46 10.05 23.29
CA GLU A 198 16.10 9.87 24.59
C GLU A 198 15.24 9.00 25.50
N ILE A 199 13.92 9.25 25.50
CA ILE A 199 13.01 8.51 26.37
C ILE A 199 12.96 7.04 25.98
N TYR A 200 12.89 6.74 24.69
CA TYR A 200 12.90 5.34 24.25
C TYR A 200 14.14 4.64 24.75
N SER A 201 15.31 5.28 24.60
CA SER A 201 16.55 4.66 25.05
C SER A 201 16.54 4.46 26.56
N GLU A 202 16.06 5.45 27.31
CA GLU A 202 16.02 5.30 28.76
C GLU A 202 15.09 4.17 29.18
N ALA A 203 14.05 3.90 28.39
CA ALA A 203 13.13 2.81 28.68
C ALA A 203 13.71 1.43 28.33
N GLY A 204 14.86 1.38 27.68
CA GLY A 204 15.47 0.14 27.29
C GLY A 204 15.36 -0.24 25.84
N LEU A 205 14.90 0.66 24.97
CA LEU A 205 14.88 0.36 23.55
C LEU A 205 16.32 0.15 23.08
N PRO A 206 16.61 -0.95 22.37
CA PRO A 206 18.00 -1.19 21.95
C PRO A 206 18.49 -0.06 21.06
N ASP A 207 19.79 0.21 21.16
CA ASP A 207 20.42 1.23 20.32
C ASP A 207 20.11 0.97 18.85
N GLY A 208 19.76 2.04 18.13
CA GLY A 208 19.48 1.94 16.72
C GLY A 208 18.02 1.68 16.37
N VAL A 209 17.20 1.30 17.34
CA VAL A 209 15.83 0.92 17.00
C VAL A 209 14.96 2.16 16.75
N PHE A 210 15.27 3.29 17.38
CA PHE A 210 14.62 4.56 17.07
C PHE A 210 15.70 5.63 16.97
N ASN A 211 16.05 5.97 15.72
CA ASN A 211 17.00 7.02 15.40
C ASN A 211 16.22 8.22 14.86
N VAL A 212 16.67 9.43 15.19
CA VAL A 212 15.96 10.65 14.79
C VAL A 212 16.93 11.52 14.00
N LEU A 213 16.55 11.88 12.78
CA LEU A 213 17.39 12.64 11.85
C LEU A 213 16.67 13.94 11.50
N PRO A 214 16.89 15.01 12.26
CA PRO A 214 16.45 16.32 11.78
C PRO A 214 17.11 16.64 10.45
N GLY A 215 16.45 17.53 9.71
CA GLY A 215 17.00 17.97 8.44
C GLY A 215 15.94 18.66 7.62
N ILE A 216 16.32 18.97 6.40
CA ILE A 216 15.47 19.63 5.42
C ILE A 216 14.80 18.56 4.56
N GLY A 217 13.57 18.84 4.12
CA GLY A 217 12.82 17.85 3.37
C GLY A 217 13.51 17.45 2.08
N ALA A 218 14.00 18.43 1.32
CA ALA A 218 14.64 18.12 0.06
C ALA A 218 15.96 17.39 0.22
N GLU A 219 16.49 17.29 1.44
CA GLU A 219 17.74 16.58 1.65
C GLU A 219 17.49 15.31 2.45
N THR A 220 17.36 15.43 3.76
CA THR A 220 17.17 14.26 4.62
C THR A 220 15.95 13.44 4.20
N GLY A 221 14.81 14.11 3.96
CA GLY A 221 13.62 13.38 3.59
C GLY A 221 13.77 12.65 2.26
N GLN A 222 14.35 13.34 1.28
CA GLN A 222 14.64 12.71 0.00
C GLN A 222 15.54 11.49 0.16
N TYR A 223 16.62 11.63 0.94
CA TYR A 223 17.54 10.50 1.13
C TYR A 223 16.84 9.31 1.77
N LEU A 224 15.95 9.57 2.74
CA LEU A 224 15.20 8.46 3.34
C LEU A 224 14.34 7.75 2.31
N THR A 225 13.64 8.52 1.46
CA THR A 225 12.77 7.90 0.48
C THR A 225 13.56 7.15 -0.58
N GLU A 226 14.83 7.50 -0.80
CA GLU A 226 15.64 6.86 -1.83
C GLU A 226 16.45 5.67 -1.33
N HIS A 227 16.63 5.51 -0.02
CA HIS A 227 17.64 4.59 0.48
C HIS A 227 17.28 3.15 0.12
N PRO A 228 18.23 2.36 -0.39
CA PRO A 228 17.88 1.02 -0.86
C PRO A 228 17.48 0.04 0.23
N ASP A 229 17.83 0.28 1.50
CA ASP A 229 17.61 -0.71 2.55
C ASP A 229 16.47 -0.32 3.50
N ILE A 230 15.71 0.70 3.18
CA ILE A 230 14.53 1.06 3.97
C ILE A 230 13.32 0.42 3.30
N ALA A 231 12.54 -0.34 4.07
CA ALA A 231 11.49 -1.17 3.51
C ALA A 231 10.14 -0.46 3.38
N LYS A 232 9.92 0.60 4.15
CA LYS A 232 8.64 1.27 4.14
C LYS A 232 8.84 2.73 4.53
N ILE A 233 8.08 3.62 3.89
CA ILE A 233 8.03 5.03 4.22
C ILE A 233 6.63 5.36 4.70
N SER A 234 6.52 6.03 5.84
CA SER A 234 5.25 6.57 6.33
C SER A 234 5.40 8.07 6.44
N PHE A 235 4.56 8.80 5.69
CA PHE A 235 4.65 10.25 5.54
C PHE A 235 3.35 10.90 5.96
N THR A 236 3.44 11.99 6.72
CA THR A 236 2.30 12.84 7.05
C THR A 236 2.61 14.26 6.58
N GLY A 237 1.70 14.86 5.84
CA GLY A 237 1.99 16.16 5.26
C GLY A 237 0.95 16.54 4.22
N GLY A 238 1.36 17.44 3.32
CA GLY A 238 0.43 17.96 2.35
C GLY A 238 0.18 16.99 1.21
N VAL A 239 -0.97 17.20 0.56
CA VAL A 239 -1.37 16.32 -0.54
C VAL A 239 -0.32 16.32 -1.65
N ALA A 240 0.14 17.50 -2.05
CA ALA A 240 1.12 17.57 -3.13
C ALA A 240 2.43 16.89 -2.73
N SER A 241 2.91 17.17 -1.52
CA SER A 241 4.16 16.57 -1.06
C SER A 241 4.04 15.05 -0.97
N GLY A 242 2.88 14.54 -0.58
CA GLY A 242 2.72 13.10 -0.46
C GLY A 242 2.86 12.39 -1.80
N LYS A 243 2.28 12.97 -2.85
CA LYS A 243 2.43 12.38 -4.18
C LYS A 243 3.91 12.26 -4.56
N LYS A 244 4.72 13.27 -4.23
CA LYS A 244 6.14 13.19 -4.58
C LYS A 244 6.87 12.16 -3.72
N VAL A 245 6.56 12.12 -2.43
CA VAL A 245 7.19 11.13 -1.55
C VAL A 245 6.87 9.72 -2.02
N MET A 246 5.59 9.47 -2.30
CA MET A 246 5.21 8.13 -2.75
C MET A 246 5.88 7.77 -4.07
N ALA A 247 5.88 8.71 -5.03
CA ALA A 247 6.48 8.44 -6.33
C ALA A 247 7.98 8.16 -6.20
N ASN A 248 8.67 8.93 -5.36
CA ASN A 248 10.10 8.70 -5.16
C ASN A 248 10.36 7.40 -4.39
N SER A 249 9.50 7.08 -3.43
CA SER A 249 9.65 5.82 -2.71
C SER A 249 9.47 4.63 -3.66
N ALA A 250 8.56 4.76 -4.62
CA ALA A 250 8.34 3.72 -5.61
C ALA A 250 9.53 3.59 -6.55
N ALA A 251 9.96 4.73 -7.12
CA ALA A 251 10.97 4.71 -8.17
C ALA A 251 12.32 4.17 -7.67
N SER A 252 12.66 4.44 -6.41
CA SER A 252 13.99 4.08 -5.92
C SER A 252 14.11 2.59 -5.66
N SER A 253 13.25 2.05 -4.78
CA SER A 253 13.38 0.65 -4.40
C SER A 253 12.04 -0.04 -4.12
N LEU A 254 10.93 0.49 -4.64
CA LEU A 254 9.62 -0.12 -4.48
C LEU A 254 9.24 -0.31 -3.01
N LYS A 255 9.40 0.75 -2.22
CA LYS A 255 9.10 0.69 -0.81
C LYS A 255 7.59 0.63 -0.56
N GLU A 256 7.20 -0.08 0.50
CA GLU A 256 5.85 0.05 1.01
C GLU A 256 5.63 1.49 1.50
N VAL A 257 4.38 1.95 1.47
CA VAL A 257 4.10 3.35 1.78
C VAL A 257 2.81 3.48 2.61
N THR A 258 2.83 4.45 3.53
CA THR A 258 1.64 4.98 4.18
C THR A 258 1.70 6.49 4.02
N MET A 259 0.57 7.09 3.64
CA MET A 259 0.47 8.53 3.46
C MET A 259 -0.73 9.03 4.24
N GLU A 260 -0.52 9.97 5.15
CA GLU A 260 -1.60 10.67 5.84
C GLU A 260 -1.52 12.12 5.41
N LEU A 261 -2.43 12.54 4.53
CA LEU A 261 -2.31 13.85 3.93
C LEU A 261 -3.43 14.78 4.39
N GLY A 262 -3.64 15.87 3.65
CA GLY A 262 -4.59 16.88 4.04
C GLY A 262 -6.00 16.56 3.56
N GLY A 263 -6.92 17.48 3.85
CA GLY A 263 -8.31 17.25 3.55
C GLY A 263 -9.03 18.56 3.34
N LYS A 264 -10.29 18.44 2.90
CA LYS A 264 -11.24 19.55 2.87
C LYS A 264 -12.56 18.97 3.37
N SER A 265 -12.54 18.57 4.64
CA SER A 265 -13.57 17.67 5.16
C SER A 265 -14.89 18.41 5.35
N PRO A 266 -16.02 17.79 4.97
CA PRO A 266 -17.31 18.45 5.14
C PRO A 266 -17.95 18.11 6.47
N LEU A 267 -18.56 19.12 7.07
CA LEU A 267 -19.41 18.95 8.25
C LEU A 267 -20.83 19.25 7.82
N ILE A 268 -21.72 18.24 7.88
CA ILE A 268 -23.08 18.39 7.40
C ILE A 268 -24.00 18.60 8.58
N ILE A 269 -24.64 19.78 8.64
CA ILE A 269 -25.63 20.07 9.66
CA ILE A 269 -25.63 20.08 9.66
C ILE A 269 -27.01 19.72 9.10
N ALA A 270 -27.67 18.75 9.72
CA ALA A 270 -29.03 18.42 9.30
C ALA A 270 -30.01 19.45 9.84
N ASP A 271 -31.19 19.55 9.20
CA ASP A 271 -32.11 20.60 9.59
C ASP A 271 -32.85 20.28 10.89
N ASP A 272 -32.63 19.10 11.47
CA ASP A 272 -33.15 18.78 12.79
C ASP A 272 -32.08 18.83 13.87
N ALA A 273 -30.90 19.36 13.54
CA ALA A 273 -29.84 19.50 14.53
C ALA A 273 -30.12 20.69 15.45
N ASP A 274 -29.78 20.52 16.73
CA ASP A 274 -29.70 21.65 17.65
C ASP A 274 -28.57 22.57 17.21
N LEU A 275 -28.88 23.85 16.94
CA LEU A 275 -27.88 24.71 16.33
C LEU A 275 -26.77 25.12 17.30
N ASP A 276 -27.02 25.08 18.61
CA ASP A 276 -25.93 25.30 19.55
C ASP A 276 -24.92 24.15 19.49
N LEU A 277 -25.42 22.91 19.41
CA LEU A 277 -24.53 21.76 19.22
C LEU A 277 -23.79 21.86 17.90
N ALA A 278 -24.50 22.18 16.82
CA ALA A 278 -23.87 22.28 15.51
C ALA A 278 -22.76 23.33 15.51
N ALA A 279 -23.02 24.47 16.13
CA ALA A 279 -22.02 25.54 16.18
C ALA A 279 -20.83 25.13 17.04
N ASP A 280 -21.06 24.47 18.18
CA ASP A 280 -19.96 23.98 18.98
C ASP A 280 -19.08 23.01 18.20
N ILE A 281 -19.70 22.11 17.45
CA ILE A 281 -18.93 21.15 16.67
C ILE A 281 -18.15 21.86 15.57
N ALA A 282 -18.81 22.80 14.88
CA ALA A 282 -18.14 23.59 13.84
C ALA A 282 -16.94 24.35 14.40
N MET A 283 -17.09 24.93 15.60
CA MET A 283 -15.99 25.66 16.19
C MET A 283 -14.80 24.72 16.46
N MET A 284 -15.07 23.59 17.11
CA MET A 284 -14.00 22.64 17.38
C MET A 284 -13.44 22.04 16.11
N ALA A 285 -14.24 21.97 15.04
CA ALA A 285 -13.72 21.42 13.80
C ALA A 285 -12.95 22.44 12.97
N ASN A 286 -12.88 23.70 13.40
CA ASN A 286 -12.20 24.69 12.60
C ASN A 286 -11.10 25.47 13.31
N PHE A 287 -11.15 25.64 14.63
CA PHE A 287 -10.23 26.58 15.28
C PHE A 287 -9.30 25.97 16.30
N TYR A 288 -9.34 24.65 16.49
CA TYR A 288 -8.35 24.02 17.35
C TYR A 288 -7.00 24.04 16.66
N SER A 289 -5.94 24.20 17.44
CA SER A 289 -4.57 24.34 16.92
C SER A 289 -4.53 25.42 15.84
N SER A 290 -5.27 26.50 16.07
CA SER A 290 -5.36 27.65 15.17
C SER A 290 -5.71 27.22 13.74
N GLY A 291 -6.49 26.15 13.62
CA GLY A 291 -6.92 25.67 12.33
C GLY A 291 -5.88 24.84 11.59
N GLN A 292 -4.80 24.45 12.25
CA GLN A 292 -3.72 23.72 11.59
C GLN A 292 -3.87 22.22 11.82
N VAL A 293 -4.97 21.66 11.31
CA VAL A 293 -5.34 20.27 11.56
C VAL A 293 -5.85 19.66 10.26
N CYS A 294 -5.29 18.50 9.87
CA CYS A 294 -5.60 17.92 8.58
CA CYS A 294 -5.60 17.92 8.58
C CYS A 294 -7.07 17.53 8.47
N THR A 295 -7.69 17.11 9.57
CA THR A 295 -9.05 16.59 9.58
C THR A 295 -10.10 17.67 9.81
N ASN A 296 -9.74 18.96 9.74
CA ASN A 296 -10.69 19.99 10.11
C ASN A 296 -11.88 20.02 9.15
N GLY A 297 -13.06 20.31 9.72
CA GLY A 297 -14.30 20.34 8.96
C GLY A 297 -14.52 21.73 8.38
N THR A 298 -13.74 22.04 7.35
CA THR A 298 -13.62 23.41 6.88
C THR A 298 -14.68 23.79 5.85
N ARG A 299 -15.49 22.84 5.39
CA ARG A 299 -16.70 23.16 4.63
C ARG A 299 -17.87 22.80 5.52
N VAL A 300 -18.57 23.81 6.02
CA VAL A 300 -19.67 23.61 6.95
C VAL A 300 -20.97 23.82 6.17
N PHE A 301 -21.71 22.74 5.95
CA PHE A 301 -22.94 22.79 5.18
C PHE A 301 -24.12 22.99 6.13
N VAL A 302 -24.91 24.03 5.90
CA VAL A 302 -26.01 24.35 6.81
C VAL A 302 -27.28 24.54 5.98
N PRO A 303 -28.44 24.04 6.42
CA PRO A 303 -29.65 24.21 5.61
C PRO A 303 -29.99 25.68 5.46
N ALA A 304 -30.48 26.05 4.26
CA ALA A 304 -30.81 27.43 3.97
C ALA A 304 -31.66 28.07 5.06
N LYS A 305 -32.67 27.34 5.57
CA LYS A 305 -33.58 27.92 6.54
C LYS A 305 -32.93 28.17 7.90
N GLN A 306 -31.86 27.46 8.24
CA GLN A 306 -31.16 27.65 9.52
C GLN A 306 -29.91 28.51 9.38
N LYS A 307 -29.55 28.93 8.18
CA LYS A 307 -28.22 29.49 7.95
C LYS A 307 -28.03 30.79 8.71
N ALA A 308 -29.03 31.68 8.71
CA ALA A 308 -28.89 32.96 9.39
C ALA A 308 -28.64 32.78 10.88
N GLU A 309 -29.46 31.94 11.53
CA GLU A 309 -29.26 31.75 12.97
CA GLU A 309 -29.28 31.71 12.96
C GLU A 309 -27.93 31.06 13.25
N PHE A 310 -27.53 30.10 12.41
CA PHE A 310 -26.25 29.44 12.60
C PHE A 310 -25.11 30.44 12.52
N GLU A 311 -25.16 31.36 11.55
CA GLU A 311 -24.12 32.37 11.44
C GLU A 311 -24.00 33.18 12.72
N HIS A 312 -25.15 33.57 13.31
CA HIS A 312 -25.11 34.28 14.59
C HIS A 312 -24.47 33.44 15.68
N LYS A 313 -24.79 32.14 15.72
CA LYS A 313 -24.22 31.31 16.77
C LYS A 313 -22.72 31.13 16.60
N ILE A 314 -22.24 31.10 15.35
CA ILE A 314 -20.79 31.05 15.13
C ILE A 314 -20.14 32.36 15.57
N LEU A 315 -20.71 33.50 15.18
CA LEU A 315 -20.18 34.79 15.62
C LEU A 315 -20.09 34.87 17.13
N GLU A 316 -21.12 34.37 17.83
CA GLU A 316 -21.13 34.45 19.27
CA GLU A 316 -21.13 34.43 19.28
C GLU A 316 -20.00 33.62 19.88
N ARG A 317 -19.70 32.45 19.30
CA ARG A 317 -18.64 31.61 19.84
C ARG A 317 -17.26 32.09 19.39
N VAL A 318 -17.14 32.63 18.18
CA VAL A 318 -15.86 33.19 17.74
C VAL A 318 -15.41 34.27 18.72
N ALA A 319 -16.36 35.06 19.23
CA ALA A 319 -16.03 36.11 20.18
C ALA A 319 -15.47 35.56 21.48
N ARG A 320 -15.69 34.27 21.77
CA ARG A 320 -15.17 33.66 22.98
C ARG A 320 -13.71 33.25 22.89
N ILE A 321 -13.15 33.23 21.68
CA ILE A 321 -11.80 32.73 21.49
C ILE A 321 -10.80 33.61 22.24
N ARG A 322 -9.90 32.98 22.98
CA ARG A 322 -8.92 33.68 23.83
C ARG A 322 -7.53 33.50 23.24
N PRO A 323 -7.08 34.51 22.50
CA PRO A 323 -5.69 34.61 22.08
C PRO A 323 -4.88 35.35 23.15
N GLY A 324 -3.67 34.89 23.37
CA GLY A 324 -2.81 35.56 24.35
C GLY A 324 -1.61 34.69 24.69
N ASP A 325 -1.07 34.94 25.88
CA ASP A 325 0.05 34.17 26.42
C ASP A 325 -0.18 32.68 26.24
N LEU A 326 0.68 32.03 25.45
CA LEU A 326 0.49 30.62 25.17
C LEU A 326 0.59 29.75 26.43
N PHE A 327 1.16 30.27 27.51
CA PHE A 327 1.27 29.50 28.73
C PHE A 327 0.21 29.86 29.76
N ALA A 328 -0.70 30.78 29.43
CA ALA A 328 -1.81 31.10 30.32
C ALA A 328 -2.92 30.06 30.20
N ASP A 329 -3.54 29.74 31.34
CA ASP A 329 -4.53 28.66 31.38
C ASP A 329 -5.74 28.93 30.49
N ASP A 330 -6.15 30.18 30.35
CA ASP A 330 -7.36 30.48 29.58
C ASP A 330 -7.10 30.67 28.09
N THR A 331 -5.84 30.71 27.66
CA THR A 331 -5.54 30.87 26.24
C THR A 331 -5.94 29.60 25.49
N ASN A 332 -6.72 29.76 24.42
CA ASN A 332 -7.12 28.61 23.61
C ASN A 332 -6.89 28.84 22.12
N PHE A 333 -6.04 29.79 21.76
CA PHE A 333 -5.78 30.11 20.36
C PHE A 333 -4.36 30.64 20.26
N GLY A 334 -3.59 30.11 19.31
CA GLY A 334 -2.21 30.50 19.18
C GLY A 334 -1.90 31.11 17.83
N PRO A 335 -0.67 31.60 17.64
CA PRO A 335 -0.24 32.02 16.31
C PRO A 335 -0.10 30.81 15.41
N LEU A 336 0.00 31.07 14.11
CA LEU A 336 0.33 29.97 13.22
C LEU A 336 1.80 29.57 13.43
N VAL A 337 2.18 28.46 12.79
CA VAL A 337 3.49 27.87 13.08
C VAL A 337 4.65 28.70 12.58
N SER A 338 4.43 29.56 11.59
CA SER A 338 5.53 30.27 10.95
C SER A 338 4.97 31.48 10.22
N PHE A 339 5.84 32.46 9.99
CA PHE A 339 5.43 33.66 9.27
C PHE A 339 5.18 33.36 7.79
N PRO A 340 5.99 32.52 7.12
CA PRO A 340 5.57 32.09 5.76
C PRO A 340 4.21 31.41 5.72
N HIS A 341 3.87 30.61 6.73
CA HIS A 341 2.55 29.98 6.68
C HIS A 341 1.45 31.01 6.87
N ARG A 342 1.65 31.98 7.75
CA ARG A 342 0.68 33.07 7.86
C ARG A 342 0.47 33.76 6.52
N ASP A 343 1.57 34.10 5.84
CA ASP A 343 1.47 34.73 4.53
C ASP A 343 0.61 33.92 3.58
N ASN A 344 0.76 32.59 3.59
CA ASN A 344 -0.07 31.74 2.73
C ASN A 344 -1.53 31.78 3.15
N VAL A 345 -1.79 31.69 4.46
CA VAL A 345 -3.18 31.74 4.93
C VAL A 345 -3.84 33.06 4.55
N LEU A 346 -3.10 34.17 4.68
CA LEU A 346 -3.66 35.47 4.32
C LEU A 346 -3.96 35.54 2.83
N ARG A 347 -3.12 34.92 2.00
CA ARG A 347 -3.41 34.88 0.56
C ARG A 347 -4.72 34.18 0.26
N TYR A 348 -4.99 33.07 0.96
CA TYR A 348 -6.28 32.40 0.80
C TYR A 348 -7.42 33.31 1.24
N ILE A 349 -7.25 34.01 2.36
CA ILE A 349 -8.32 34.87 2.86
C ILE A 349 -8.62 35.97 1.84
N GLU A 350 -7.58 36.48 1.18
CA GLU A 350 -7.79 37.52 0.18
C GLU A 350 -8.52 36.95 -1.03
N SER A 351 -8.24 35.70 -1.41
CA SER A 351 -8.97 35.11 -2.53
C SER A 351 -10.45 34.97 -2.19
N GLY A 352 -10.76 34.64 -0.93
CA GLY A 352 -12.16 34.58 -0.51
C GLY A 352 -12.87 35.90 -0.69
N LYS A 353 -12.24 36.99 -0.24
CA LYS A 353 -12.80 38.33 -0.45
C LYS A 353 -12.93 38.63 -1.94
N ARG A 354 -11.86 38.39 -2.70
CA ARG A 354 -11.83 38.71 -4.12
C ARG A 354 -12.92 37.97 -4.88
N GLU A 355 -13.19 36.72 -4.50
CA GLU A 355 -14.11 35.85 -5.23
C GLU A 355 -15.56 35.97 -4.77
N GLY A 356 -15.86 36.82 -3.79
CA GLY A 356 -17.22 37.17 -3.48
C GLY A 356 -17.79 36.55 -2.22
N ALA A 357 -17.01 35.77 -1.48
CA ALA A 357 -17.48 35.25 -0.22
C ALA A 357 -17.69 36.39 0.78
N ARG A 358 -18.68 36.22 1.65
CA ARG A 358 -19.04 37.24 2.62
C ARG A 358 -18.23 37.02 3.90
N LEU A 359 -17.40 38.00 4.25
CA LEU A 359 -16.56 37.87 5.44
C LEU A 359 -17.41 38.12 6.68
N LEU A 360 -17.55 37.10 7.53
CA LEU A 360 -18.36 37.21 8.73
C LEU A 360 -17.56 37.74 9.92
N CYS A 361 -16.30 37.31 10.06
CA CYS A 361 -15.44 37.83 11.11
C CYS A 361 -13.99 37.50 10.78
N GLY A 362 -13.07 38.22 11.44
CA GLY A 362 -11.66 37.97 11.21
C GLY A 362 -11.20 38.50 9.86
N GLY A 363 -10.36 37.72 9.19
CA GLY A 363 -9.88 38.10 7.88
C GLY A 363 -8.58 38.89 7.86
N GLU A 364 -7.90 39.03 8.99
CA GLU A 364 -6.68 39.81 9.05
C GLU A 364 -5.73 39.21 10.06
N ALA A 365 -4.48 39.62 9.98
CA ALA A 365 -3.54 39.35 11.06
C ALA A 365 -3.97 40.08 12.33
N LEU A 366 -3.62 39.50 13.48
CA LEU A 366 -3.76 40.22 14.74
C LEU A 366 -2.57 41.14 14.94
N LYS A 367 -2.83 42.34 15.44
CA LYS A 367 -1.79 43.32 15.76
C LYS A 367 -2.03 43.85 17.17
N GLY A 368 -1.02 44.52 17.70
CA GLY A 368 -1.13 45.15 19.00
C GLY A 368 -0.36 44.42 20.10
N ASP A 369 -0.75 44.72 21.34
CA ASP A 369 -0.03 44.24 22.51
C ASP A 369 -0.07 42.72 22.60
N GLY A 370 1.11 42.10 22.57
CA GLY A 370 1.22 40.66 22.65
C GLY A 370 1.10 39.91 21.34
N PHE A 371 0.88 40.61 20.22
CA PHE A 371 0.66 39.96 18.94
C PHE A 371 1.64 40.38 17.85
N ASP A 372 2.32 41.52 17.99
CA ASP A 372 3.09 42.06 16.88
C ASP A 372 4.34 41.25 16.57
N ASN A 373 4.79 40.38 17.46
CA ASN A 373 5.99 39.59 17.24
C ASN A 373 5.69 38.12 16.95
N GLY A 374 4.42 37.77 16.78
CA GLY A 374 4.05 36.41 16.45
C GLY A 374 3.26 36.31 15.15
N SER A 375 3.18 35.12 14.58
CA SER A 375 2.52 34.92 13.28
C SER A 375 1.01 34.68 13.45
N TRP A 376 0.33 35.65 14.06
CA TRP A 376 -1.09 35.51 14.39
C TRP A 376 -2.00 35.85 13.21
N VAL A 377 -3.03 35.02 13.02
CA VAL A 377 -4.15 35.30 12.13
C VAL A 377 -5.44 35.25 12.93
N ALA A 378 -6.33 36.21 12.70
CA ALA A 378 -7.60 36.21 13.42
C ALA A 378 -8.46 35.01 13.00
N PRO A 379 -9.23 34.43 13.92
CA PRO A 379 -10.20 33.39 13.52
C PRO A 379 -11.16 33.96 12.48
N THR A 380 -11.24 33.29 11.34
CA THR A 380 -11.89 33.84 10.16
C THR A 380 -13.01 32.92 9.70
N VAL A 381 -14.16 33.51 9.40
CA VAL A 381 -15.33 32.78 8.92
C VAL A 381 -15.84 33.48 7.66
N PHE A 382 -15.95 32.74 6.57
CA PHE A 382 -16.65 33.19 5.37
C PHE A 382 -17.99 32.49 5.27
N THR A 383 -19.00 33.20 4.79
CA THR A 383 -20.29 32.61 4.48
C THR A 383 -20.71 33.02 3.08
N ASP A 384 -21.91 32.59 2.67
CA ASP A 384 -22.37 32.75 1.28
C ASP A 384 -21.38 32.11 0.30
N CYS A 385 -20.73 31.03 0.73
CA CYS A 385 -19.70 30.41 -0.11
C CYS A 385 -20.35 29.54 -1.18
N SER A 386 -19.60 29.34 -2.27
CA SER A 386 -20.03 28.48 -3.36
C SER A 386 -18.92 27.46 -3.66
N ASP A 387 -19.30 26.40 -4.36
CA ASP A 387 -18.43 25.23 -4.47
C ASP A 387 -17.17 25.47 -5.28
N GLU A 388 -17.17 26.47 -6.17
CA GLU A 388 -15.99 26.68 -7.00
CA GLU A 388 -16.03 26.73 -7.05
C GLU A 388 -15.04 27.72 -6.45
N MET A 389 -15.34 28.30 -5.30
CA MET A 389 -14.41 29.25 -4.70
C MET A 389 -13.14 28.55 -4.26
N THR A 390 -12.02 29.28 -4.39
CA THR A 390 -10.73 28.72 -4.00
C THR A 390 -10.71 28.33 -2.52
N ILE A 391 -11.31 29.16 -1.65
CA ILE A 391 -11.28 28.81 -0.23
C ILE A 391 -12.16 27.61 0.07
N VAL A 392 -13.11 27.28 -0.80
CA VAL A 392 -13.90 26.08 -0.59
C VAL A 392 -13.23 24.87 -1.20
N ARG A 393 -12.47 25.07 -2.29
CA ARG A 393 -11.84 23.96 -3.00
C ARG A 393 -10.57 23.46 -2.34
N GLU A 394 -9.78 24.33 -1.72
CA GLU A 394 -8.40 23.99 -1.34
C GLU A 394 -8.22 24.03 0.17
N GLU A 395 -7.40 23.10 0.67
CA GLU A 395 -7.04 23.10 2.08
C GLU A 395 -6.21 24.34 2.40
N ILE A 396 -6.63 25.09 3.42
CA ILE A 396 -5.98 26.33 3.80
C ILE A 396 -5.00 26.12 4.95
N PHE A 397 -5.34 25.21 5.87
CA PHE A 397 -4.48 24.88 7.03
C PHE A 397 -4.29 26.11 7.91
N GLY A 398 -5.35 26.92 8.00
CA GLY A 398 -5.40 28.01 8.93
C GLY A 398 -6.80 28.12 9.51
N PRO A 399 -7.03 29.12 10.33
CA PRO A 399 -8.34 29.26 11.00
C PRO A 399 -9.35 29.96 10.09
N VAL A 400 -9.85 29.23 9.08
CA VAL A 400 -10.75 29.80 8.09
C VAL A 400 -11.89 28.80 7.85
N MET A 401 -13.07 29.13 8.35
CA MET A 401 -14.28 28.32 8.15
C MET A 401 -15.05 28.84 6.94
N SER A 402 -15.54 27.92 6.10
CA SER A 402 -16.38 28.28 4.96
C SER A 402 -17.78 27.71 5.16
N ILE A 403 -18.79 28.59 5.25
CA ILE A 403 -20.17 28.19 5.47
C ILE A 403 -20.90 28.16 4.14
N LEU A 404 -21.55 27.02 3.84
CA LEU A 404 -22.26 26.79 2.59
C LEU A 404 -23.72 26.43 2.85
N SER A 405 -24.63 27.17 2.21
CA SER A 405 -26.05 26.85 2.25
C SER A 405 -26.35 25.61 1.40
N TYR A 406 -27.28 24.78 1.88
CA TYR A 406 -27.79 23.72 1.02
C TYR A 406 -29.29 23.56 1.22
N ALA A 407 -29.92 22.89 0.25
CA ALA A 407 -31.37 22.74 0.18
C ALA A 407 -31.86 21.35 0.55
N ASP A 408 -31.18 20.27 0.15
CA ASP A 408 -31.72 18.96 0.45
C ASP A 408 -30.59 17.94 0.66
N GLU A 409 -30.99 16.76 1.12
CA GLU A 409 -30.04 15.76 1.58
C GLU A 409 -29.23 15.16 0.43
N ALA A 410 -29.90 14.78 -0.66
CA ALA A 410 -29.19 14.24 -1.80
C ALA A 410 -28.17 15.23 -2.34
N GLU A 411 -28.57 16.51 -2.38
CA GLU A 411 -27.66 17.56 -2.83
C GLU A 411 -26.43 17.67 -1.93
N VAL A 412 -26.63 17.72 -0.61
CA VAL A 412 -25.49 17.97 0.27
C VAL A 412 -24.53 16.79 0.26
N ILE A 413 -25.02 15.58 0.02
CA ILE A 413 -24.15 14.43 -0.08
C ILE A 413 -23.27 14.53 -1.32
N ARG A 414 -23.87 14.90 -2.47
CA ARG A 414 -23.09 15.07 -3.70
C ARG A 414 -22.01 16.12 -3.52
N ARG A 415 -22.38 17.26 -2.94
CA ARG A 415 -21.45 18.37 -2.81
C ARG A 415 -20.35 18.04 -1.80
N ALA A 416 -20.69 17.36 -0.71
CA ALA A 416 -19.68 16.87 0.22
C ALA A 416 -18.65 15.99 -0.47
N ASN A 417 -19.11 15.10 -1.35
CA ASN A 417 -18.23 14.14 -2.00
C ASN A 417 -17.52 14.69 -3.23
N ALA A 418 -17.93 15.86 -3.72
CA ALA A 418 -17.39 16.40 -4.97
C ALA A 418 -16.07 17.14 -4.69
N THR A 419 -15.07 16.35 -4.32
CA THR A 419 -13.73 16.85 -4.02
C THR A 419 -12.75 15.71 -4.23
N GLU A 420 -11.50 16.06 -4.54
CA GLU A 420 -10.44 15.05 -4.59
C GLU A 420 -9.95 14.66 -3.20
N TYR A 421 -10.22 15.48 -2.19
CA TYR A 421 -9.87 15.10 -0.84
C TYR A 421 -10.83 14.01 -0.34
N GLY A 422 -10.45 13.38 0.77
CA GLY A 422 -11.29 12.35 1.35
C GLY A 422 -10.87 11.92 2.74
N LEU A 423 -10.46 12.86 3.59
CA LEU A 423 -9.91 12.47 4.89
C LEU A 423 -11.00 12.23 5.92
N ALA A 424 -11.79 13.26 6.23
CA ALA A 424 -12.78 13.15 7.29
C ALA A 424 -14.12 13.72 6.83
N ALA A 425 -15.12 13.51 7.66
CA ALA A 425 -16.45 14.07 7.43
C ALA A 425 -17.24 13.92 8.72
N GLY A 426 -18.36 14.62 8.79
CA GLY A 426 -19.23 14.43 9.94
C GLY A 426 -20.63 14.91 9.64
N VAL A 427 -21.57 14.45 10.47
CA VAL A 427 -22.96 14.86 10.38
C VAL A 427 -23.47 15.19 11.77
N VAL A 428 -24.34 16.20 11.86
CA VAL A 428 -25.01 16.56 13.12
C VAL A 428 -26.50 16.34 12.92
N THR A 429 -27.05 15.35 13.62
CA THR A 429 -28.48 15.06 13.59
C THR A 429 -28.83 14.16 14.77
N PRO A 430 -29.96 14.39 15.44
CA PRO A 430 -30.42 13.45 16.45
C PRO A 430 -31.16 12.26 15.88
N ASN A 431 -31.41 12.25 14.58
CA ASN A 431 -32.21 11.20 13.95
C ASN A 431 -31.37 9.96 13.65
N LEU A 432 -31.85 8.79 14.08
CA LEU A 432 -31.09 7.55 13.89
C LEU A 432 -30.82 7.29 12.41
N ASN A 433 -31.86 7.34 11.58
CA ASN A 433 -31.73 6.98 10.17
C ASN A 433 -30.84 7.97 9.43
N ARG A 434 -31.08 9.28 9.64
CA ARG A 434 -30.25 10.29 9.00
C ARG A 434 -28.77 10.09 9.33
N ALA A 435 -28.45 9.84 10.59
CA ALA A 435 -27.05 9.81 10.99
C ALA A 435 -26.29 8.73 10.26
N HIS A 436 -26.82 7.51 10.28
CA HIS A 436 -26.11 6.38 9.64
C HIS A 436 -26.21 6.46 8.13
N ARG A 437 -27.39 6.77 7.60
CA ARG A 437 -27.58 6.73 6.15
C ARG A 437 -26.71 7.77 5.44
N ILE A 438 -26.60 8.98 6.01
CA ILE A 438 -25.73 9.99 5.41
C ILE A 438 -24.26 9.58 5.53
N ILE A 439 -23.84 9.15 6.72
CA ILE A 439 -22.43 8.86 6.91
C ILE A 439 -21.99 7.72 5.98
N HIS A 440 -22.88 6.75 5.75
CA HIS A 440 -22.49 5.63 4.89
C HIS A 440 -22.24 6.06 3.44
N GLN A 441 -22.74 7.21 3.04
CA GLN A 441 -22.59 7.67 1.67
C GLN A 441 -21.42 8.62 1.47
N LEU A 442 -20.72 9.00 2.53
CA LEU A 442 -19.65 9.97 2.40
C LEU A 442 -18.34 9.28 2.04
N GLU A 443 -17.58 9.91 1.16
CA GLU A 443 -16.31 9.33 0.69
C GLU A 443 -15.17 9.89 1.54
N ALA A 444 -15.08 9.37 2.76
CA ALA A 444 -14.03 9.79 3.69
C ALA A 444 -13.73 8.66 4.66
N GLY A 445 -12.48 8.61 5.11
CA GLY A 445 -12.07 7.51 5.99
C GLY A 445 -12.40 7.70 7.45
N ILE A 446 -12.64 8.94 7.89
CA ILE A 446 -12.80 9.26 9.31
C ILE A 446 -14.11 10.03 9.46
N CYS A 447 -15.12 9.43 10.09
CA CYS A 447 -16.46 10.03 10.11
C CYS A 447 -16.96 10.17 11.53
N TRP A 448 -17.44 11.37 11.88
CA TRP A 448 -17.92 11.66 13.23
C TRP A 448 -19.40 11.99 13.20
N ILE A 449 -20.16 11.37 14.11
CA ILE A 449 -21.59 11.66 14.28
C ILE A 449 -21.75 12.43 15.57
N ASN A 450 -22.25 13.67 15.47
CA ASN A 450 -22.53 14.52 16.62
C ASN A 450 -21.28 14.77 17.47
N SER A 451 -20.14 14.94 16.81
CA SER A 451 -18.87 15.20 17.46
CA SER A 451 -18.87 15.22 17.46
C SER A 451 -17.87 15.58 16.37
N TRP A 452 -16.64 15.88 16.78
CA TRP A 452 -15.55 16.07 15.84
C TRP A 452 -14.24 15.87 16.58
N GLY A 453 -13.26 15.27 15.89
CA GLY A 453 -11.87 15.32 16.30
C GLY A 453 -11.35 14.13 17.07
N GLU A 454 -12.20 13.37 17.78
CA GLU A 454 -11.68 12.32 18.64
C GLU A 454 -11.13 11.20 17.79
N SER A 455 -9.92 10.72 18.13
CA SER A 455 -9.19 9.75 17.31
C SER A 455 -8.63 8.69 18.24
N PRO A 456 -9.49 7.81 18.75
CA PRO A 456 -9.03 6.80 19.72
C PRO A 456 -7.97 5.89 19.10
N ALA A 457 -7.06 5.39 19.97
CA ALA A 457 -6.02 4.48 19.50
C ALA A 457 -6.60 3.28 18.78
N GLU A 458 -7.81 2.85 19.16
CA GLU A 458 -8.42 1.67 18.56
C GLU A 458 -8.93 1.92 17.14
N MET A 459 -9.07 3.17 16.73
CA MET A 459 -9.83 3.51 15.54
C MET A 459 -8.90 3.77 14.36
N PRO A 460 -8.89 2.94 13.31
CA PRO A 460 -8.04 3.22 12.14
C PRO A 460 -8.45 4.53 11.48
N VAL A 461 -7.45 5.35 11.13
CA VAL A 461 -7.72 6.65 10.53
C VAL A 461 -6.82 6.85 9.31
N GLY A 462 -7.39 7.41 8.26
CA GLY A 462 -6.66 7.70 7.04
C GLY A 462 -7.63 8.18 5.99
N GLY A 463 -7.09 8.49 4.82
CA GLY A 463 -7.86 9.14 3.77
C GLY A 463 -8.28 8.25 2.61
N TYR A 464 -9.45 8.58 2.06
CA TYR A 464 -9.87 8.20 0.72
C TYR A 464 -9.22 9.13 -0.31
N LYS A 465 -9.18 8.68 -1.55
CA LYS A 465 -8.85 9.53 -2.71
C LYS A 465 -7.48 10.18 -2.51
N HIS A 466 -7.32 11.49 -2.73
CA HIS A 466 -6.01 12.10 -2.65
C HIS A 466 -5.54 12.35 -1.22
N SER A 467 -6.37 12.04 -0.21
CA SER A 467 -6.01 12.35 1.17
C SER A 467 -5.17 11.26 1.85
N GLY A 468 -4.95 10.10 1.24
CA GLY A 468 -4.04 9.18 1.90
C GLY A 468 -3.91 7.82 1.25
N ILE A 469 -2.92 7.09 1.74
CA ILE A 469 -2.71 5.67 1.44
C ILE A 469 -2.54 4.96 2.76
N GLY A 470 -3.29 3.87 2.96
CA GLY A 470 -3.15 3.13 4.20
C GLY A 470 -3.80 3.85 5.37
N ARG A 471 -3.49 3.35 6.56
CA ARG A 471 -4.15 3.82 7.78
C ARG A 471 -3.13 3.91 8.89
N GLU A 472 -3.48 4.66 9.93
CA GLU A 472 -2.77 4.64 11.19
C GLU A 472 -3.76 4.29 12.29
N ASN A 473 -3.22 3.85 13.43
CA ASN A 473 -4.00 3.41 14.59
C ASN A 473 -4.84 2.17 14.31
N GLY A 474 -5.43 1.59 15.36
CA GLY A 474 -6.15 0.34 15.23
C GLY A 474 -5.29 -0.89 15.08
N VAL A 475 -5.91 -2.07 15.21
CA VAL A 475 -5.18 -3.34 15.05
CA VAL A 475 -5.14 -3.31 15.07
C VAL A 475 -4.55 -3.43 13.67
N MET A 476 -5.23 -2.90 12.65
CA MET A 476 -4.75 -3.10 11.29
C MET A 476 -3.41 -2.42 11.05
N THR A 477 -3.12 -1.34 11.79
CA THR A 477 -1.84 -0.67 11.56
C THR A 477 -0.67 -1.42 12.20
N LEU A 478 -0.90 -2.12 13.31
CA LEU A 478 0.14 -3.05 13.77
C LEU A 478 0.45 -4.08 12.69
N GLN A 479 -0.59 -4.63 12.05
CA GLN A 479 -0.39 -5.65 11.03
C GLN A 479 0.27 -5.09 9.77
N SER A 480 -0.06 -3.86 9.40
CA SER A 480 0.52 -3.34 8.17
C SER A 480 1.96 -2.88 8.34
N TYR A 481 2.51 -2.92 9.55
CA TYR A 481 3.94 -2.78 9.77
C TYR A 481 4.65 -4.13 9.83
N THR A 482 3.96 -5.21 9.49
CA THR A 482 4.60 -6.48 9.20
C THR A 482 4.37 -6.82 7.73
N GLN A 483 5.12 -7.81 7.25
CA GLN A 483 4.91 -8.36 5.92
C GLN A 483 4.62 -9.84 6.06
N VAL A 484 3.70 -10.34 5.24
CA VAL A 484 3.24 -11.72 5.34
C VAL A 484 4.23 -12.61 4.60
N LYS A 485 4.71 -13.65 5.28
CA LYS A 485 5.42 -14.76 4.66
C LYS A 485 4.51 -15.97 4.72
N SER A 486 4.23 -16.59 3.57
CA SER A 486 3.46 -17.81 3.49
C SER A 486 4.41 -19.00 3.32
N ILE A 487 4.20 -20.05 4.12
CA ILE A 487 5.06 -21.22 4.13
C ILE A 487 4.21 -22.46 3.91
N GLN A 488 4.48 -23.21 2.84
CA GLN A 488 3.82 -24.50 2.62
C GLN A 488 4.74 -25.63 3.07
N VAL A 489 4.22 -26.49 3.94
CA VAL A 489 4.89 -27.72 4.33
C VAL A 489 4.26 -28.84 3.49
N GLU A 490 5.03 -29.41 2.59
CA GLU A 490 4.57 -30.56 1.80
C GLU A 490 5.14 -31.83 2.40
N MET A 491 4.27 -32.63 3.02
CA MET A 491 4.69 -33.92 3.60
C MET A 491 4.47 -35.10 2.67
N GLY A 492 3.72 -34.93 1.58
CA GLY A 492 3.59 -35.96 0.58
C GLY A 492 4.79 -35.94 -0.35
N LYS A 493 4.84 -36.92 -1.25
CA LYS A 493 5.96 -37.02 -2.18
C LYS A 493 5.74 -36.10 -3.37
N PHE A 494 6.62 -35.10 -3.52
CA PHE A 494 6.51 -34.15 -4.61
C PHE A 494 6.55 -34.87 -5.96
N GLN A 495 5.68 -34.44 -6.88
CA GLN A 495 5.58 -35.02 -8.20
C GLN A 495 6.09 -34.02 -9.24
N SER A 496 6.98 -34.47 -10.11
CA SER A 496 7.46 -33.67 -11.22
C SER A 496 6.91 -34.25 -12.53
N ILE A 497 6.59 -33.37 -13.48
CA ILE A 497 6.21 -33.86 -14.81
C ILE A 497 7.43 -34.06 -15.70
N PHE A 498 8.63 -33.76 -15.21
CA PHE A 498 9.84 -34.01 -15.98
C PHE A 498 10.47 -35.32 -15.49
N ARG B 11 -6.40 -14.72 -38.96
CA ARG B 11 -7.14 -15.94 -38.63
C ARG B 11 -8.49 -15.61 -38.00
N MET B 12 -8.45 -14.93 -36.85
CA MET B 12 -9.64 -14.54 -36.12
C MET B 12 -10.03 -13.09 -36.47
N ALA B 13 -11.27 -12.74 -36.14
CA ALA B 13 -11.80 -11.42 -36.48
C ALA B 13 -11.11 -10.33 -35.67
N GLU B 14 -11.15 -9.10 -36.19
CA GLU B 14 -10.56 -7.95 -35.50
C GLU B 14 -11.21 -7.76 -34.14
N GLN B 15 -10.39 -7.84 -33.09
CA GLN B 15 -10.89 -7.90 -31.72
C GLN B 15 -11.16 -6.50 -31.19
N GLN B 16 -12.38 -6.26 -30.76
CA GLN B 16 -12.79 -4.97 -30.21
C GLN B 16 -12.57 -4.90 -28.71
N LEU B 17 -12.80 -3.72 -28.16
CA LEU B 17 -12.78 -3.53 -26.72
C LEU B 17 -14.03 -4.15 -26.10
N TYR B 18 -13.95 -4.45 -24.81
CA TYR B 18 -15.12 -4.97 -24.07
C TYR B 18 -15.49 -3.94 -23.01
N ILE B 19 -16.56 -3.19 -23.25
CA ILE B 19 -17.03 -2.14 -22.35
C ILE B 19 -18.53 -2.27 -22.20
N ASN B 20 -19.01 -2.28 -20.95
CA ASN B 20 -20.44 -2.21 -20.65
C ASN B 20 -21.19 -3.42 -21.20
N GLY B 21 -20.65 -4.60 -20.96
CA GLY B 21 -21.38 -5.83 -21.23
C GLY B 21 -21.40 -6.27 -22.68
N GLY B 22 -20.46 -5.79 -23.49
CA GLY B 22 -20.42 -6.23 -24.87
C GLY B 22 -19.22 -5.60 -25.55
N TYR B 23 -18.99 -6.03 -26.79
CA TYR B 23 -17.88 -5.52 -27.57
C TYR B 23 -18.24 -4.16 -28.17
N THR B 24 -17.26 -3.27 -28.21
CA THR B 24 -17.45 -1.95 -28.77
C THR B 24 -16.16 -1.55 -29.47
N SER B 25 -16.29 -0.86 -30.60
CA SER B 25 -15.10 -0.46 -31.33
CA SER B 25 -15.10 -0.45 -31.34
C SER B 25 -14.34 0.62 -30.58
N ALA B 26 -13.02 0.51 -30.57
CA ALA B 26 -12.19 1.58 -30.03
C ALA B 26 -12.37 2.82 -30.90
N THR B 27 -12.19 3.98 -30.28
CA THR B 27 -12.16 5.24 -31.01
C THR B 27 -10.75 5.73 -31.26
N SER B 28 -9.74 4.96 -30.85
CA SER B 28 -8.35 5.35 -31.04
C SER B 28 -7.92 5.32 -32.50
N GLY B 29 -8.55 4.47 -33.32
CA GLY B 29 -8.03 4.23 -34.66
C GLY B 29 -6.75 3.42 -34.73
N ARG B 30 -6.32 2.84 -33.62
CA ARG B 30 -5.06 2.12 -33.55
C ARG B 30 -5.29 0.64 -33.32
N THR B 31 -4.40 -0.18 -33.88
CA THR B 31 -4.47 -1.63 -33.72
C THR B 31 -3.09 -2.19 -33.44
N PHE B 32 -3.06 -3.42 -32.92
CA PHE B 32 -1.84 -4.19 -32.82
C PHE B 32 -2.17 -5.64 -33.16
N GLU B 33 -1.12 -6.45 -33.36
CA GLU B 33 -1.27 -7.86 -33.69
C GLU B 33 -0.78 -8.72 -32.54
N THR B 34 -1.47 -9.83 -32.31
CA THR B 34 -0.96 -10.88 -31.42
C THR B 34 -0.63 -12.10 -32.27
N ILE B 35 0.52 -12.70 -32.01
CA ILE B 35 1.01 -13.79 -32.83
CA ILE B 35 1.11 -13.77 -32.80
C ILE B 35 1.00 -15.09 -32.03
N ASN B 36 1.00 -16.19 -32.77
CA ASN B 36 1.12 -17.54 -32.23
C ASN B 36 2.61 -17.80 -32.08
N PRO B 37 3.14 -17.87 -30.86
CA PRO B 37 4.60 -18.02 -30.69
C PRO B 37 5.17 -19.31 -31.25
N ALA B 38 4.34 -20.32 -31.54
CA ALA B 38 4.85 -21.56 -32.09
C ALA B 38 4.98 -21.54 -33.61
N THR B 39 4.24 -20.67 -34.30
CA THR B 39 4.25 -20.63 -35.76
C THR B 39 4.64 -19.29 -36.34
N GLY B 40 4.56 -18.20 -35.58
CA GLY B 40 4.76 -16.88 -36.12
C GLY B 40 3.56 -16.30 -36.82
N GLU B 41 2.47 -17.06 -36.97
CA GLU B 41 1.27 -16.57 -37.62
C GLU B 41 0.57 -15.52 -36.76
N VAL B 42 -0.02 -14.52 -37.41
CA VAL B 42 -0.89 -13.60 -36.71
C VAL B 42 -2.17 -14.34 -36.31
N LEU B 43 -2.51 -14.27 -35.02
CA LEU B 43 -3.75 -14.85 -34.51
C LEU B 43 -4.93 -13.91 -34.69
N ALA B 44 -4.72 -12.62 -34.42
CA ALA B 44 -5.77 -11.62 -34.54
C ALA B 44 -5.15 -10.24 -34.61
N THR B 45 -5.85 -9.35 -35.30
CA THR B 45 -5.65 -7.91 -35.13
C THR B 45 -6.53 -7.46 -33.98
N VAL B 46 -5.97 -6.63 -33.09
CA VAL B 46 -6.66 -6.25 -31.86
C VAL B 46 -6.69 -4.74 -31.77
N GLN B 47 -7.84 -4.18 -31.43
CA GLN B 47 -7.95 -2.74 -31.28
C GLN B 47 -7.32 -2.29 -29.97
N ALA B 48 -6.72 -1.10 -29.99
CA ALA B 48 -6.02 -0.57 -28.83
C ALA B 48 -6.83 0.59 -28.24
N ALA B 49 -7.07 0.53 -26.93
CA ALA B 49 -7.85 1.55 -26.27
C ALA B 49 -7.05 2.86 -26.15
N GLY B 50 -7.64 3.96 -26.62
CA GLY B 50 -7.05 5.27 -26.43
C GLY B 50 -7.60 5.96 -25.20
N ARG B 51 -7.26 7.24 -25.06
CA ARG B 51 -7.66 8.00 -23.88
C ARG B 51 -9.18 8.07 -23.75
N GLU B 52 -9.87 8.39 -24.85
CA GLU B 52 -11.33 8.47 -24.79
C GLU B 52 -11.94 7.12 -24.48
N ASP B 53 -11.35 6.04 -25.01
CA ASP B 53 -11.82 4.69 -24.68
C ASP B 53 -11.71 4.40 -23.19
N VAL B 54 -10.59 4.79 -22.57
CA VAL B 54 -10.43 4.59 -21.13
C VAL B 54 -11.47 5.41 -20.36
N ASP B 55 -11.74 6.64 -20.82
CA ASP B 55 -12.77 7.44 -20.16
C ASP B 55 -14.13 6.76 -20.26
N ARG B 56 -14.45 6.20 -21.43
CA ARG B 56 -15.71 5.47 -21.59
C ARG B 56 -15.77 4.29 -20.62
N ALA B 57 -14.67 3.57 -20.49
CA ALA B 57 -14.64 2.41 -19.60
C ALA B 57 -14.79 2.80 -18.14
N VAL B 58 -14.18 3.92 -17.73
CA VAL B 58 -14.31 4.34 -16.33
C VAL B 58 -15.74 4.78 -16.03
N GLU B 59 -16.37 5.52 -16.93
CA GLU B 59 -17.76 5.94 -16.69
C GLU B 59 -18.68 4.73 -16.67
N SER B 60 -18.47 3.78 -17.57
CA SER B 60 -19.21 2.52 -17.54
C SER B 60 -19.00 1.79 -16.21
N ALA B 61 -17.75 1.72 -15.76
CA ALA B 61 -17.44 1.04 -14.49
C ALA B 61 -18.09 1.75 -13.31
N GLN B 62 -18.17 3.09 -13.35
CA GLN B 62 -18.77 3.82 -12.24
C GLN B 62 -20.25 3.47 -12.09
N ARG B 63 -20.99 3.47 -13.20
CA ARG B 63 -22.41 3.13 -13.17
CA ARG B 63 -22.40 3.14 -13.14
C ARG B 63 -22.61 1.68 -12.76
N GLY B 64 -21.82 0.77 -13.33
CA GLY B 64 -21.98 -0.64 -13.00
C GLY B 64 -21.62 -0.96 -11.57
N GLN B 65 -20.58 -0.31 -11.04
CA GLN B 65 -20.16 -0.59 -9.66
C GLN B 65 -21.28 -0.27 -8.68
N LYS B 66 -22.02 0.80 -8.94
CA LYS B 66 -23.10 1.18 -8.03
C LYS B 66 -24.16 0.09 -7.95
N ILE B 67 -24.54 -0.48 -9.09
CA ILE B 67 -25.53 -1.55 -9.12
C ILE B 67 -24.98 -2.79 -8.41
N TRP B 68 -23.72 -3.13 -8.71
CA TRP B 68 -23.08 -4.30 -8.12
C TRP B 68 -22.98 -4.18 -6.61
N ALA B 69 -22.58 -3.01 -6.12
CA ALA B 69 -22.42 -2.83 -4.67
C ALA B 69 -23.76 -2.80 -3.94
N ALA B 70 -24.82 -2.42 -4.63
CA ALA B 70 -26.13 -2.36 -4.00
C ALA B 70 -26.78 -3.72 -3.85
N MET B 71 -26.29 -4.74 -4.57
CA MET B 71 -26.81 -6.08 -4.36
C MET B 71 -26.43 -6.59 -2.97
N THR B 72 -27.08 -7.65 -2.53
CA THR B 72 -26.65 -8.27 -1.29
C THR B 72 -25.34 -9.03 -1.51
N ALA B 73 -24.69 -9.38 -0.40
CA ALA B 73 -23.47 -10.16 -0.50
C ALA B 73 -23.71 -11.49 -1.21
N MET B 74 -24.80 -12.18 -0.86
CA MET B 74 -25.03 -13.48 -1.48
C MET B 74 -25.44 -13.33 -2.95
N GLU B 75 -26.11 -12.24 -3.31
CA GLU B 75 -26.39 -12.04 -4.73
C GLU B 75 -25.10 -11.93 -5.53
N ARG B 76 -24.11 -11.22 -5.00
CA ARG B 76 -22.81 -11.14 -5.66
C ARG B 76 -22.15 -12.50 -5.70
N SER B 77 -22.21 -13.24 -4.59
CA SER B 77 -21.62 -14.56 -4.52
CA SER B 77 -21.61 -14.57 -4.52
C SER B 77 -22.17 -15.49 -5.59
N ARG B 78 -23.49 -15.48 -5.78
CA ARG B 78 -24.09 -16.40 -6.74
C ARG B 78 -23.66 -16.10 -8.17
N ILE B 79 -23.50 -14.81 -8.48
CA ILE B 79 -23.11 -14.43 -9.83
C ILE B 79 -21.68 -14.86 -10.11
N LEU B 80 -20.78 -14.64 -9.16
CA LEU B 80 -19.40 -15.09 -9.35
C LEU B 80 -19.32 -16.62 -9.39
N ARG B 81 -20.14 -17.32 -8.60
CA ARG B 81 -20.16 -18.78 -8.65
C ARG B 81 -20.67 -19.27 -10.01
N ARG B 82 -21.61 -18.57 -10.62
CA ARG B 82 -22.05 -18.93 -11.96
C ARG B 82 -20.91 -18.74 -12.95
N ALA B 83 -20.11 -17.68 -12.78
CA ALA B 83 -18.94 -17.53 -13.65
C ALA B 83 -17.96 -18.68 -13.47
N VAL B 84 -17.77 -19.16 -12.23
CA VAL B 84 -16.91 -20.32 -12.01
C VAL B 84 -17.43 -21.51 -12.81
N ASP B 85 -18.75 -21.77 -12.73
CA ASP B 85 -19.35 -22.89 -13.45
C ASP B 85 -19.07 -22.83 -14.95
N LEU B 86 -19.18 -21.64 -15.52
CA LEU B 86 -18.96 -21.50 -16.96
C LEU B 86 -17.49 -21.72 -17.31
N LEU B 87 -16.59 -21.27 -16.44
CA LEU B 87 -15.15 -21.46 -16.67
C LEU B 87 -14.79 -22.94 -16.63
N ARG B 88 -15.39 -23.70 -15.70
CA ARG B 88 -15.13 -25.14 -15.67
C ARG B 88 -15.62 -25.80 -16.95
N GLN B 89 -16.81 -25.41 -17.42
CA GLN B 89 -17.36 -26.01 -18.63
CA GLN B 89 -17.36 -26.00 -18.63
C GLN B 89 -16.48 -25.70 -19.84
N ARG B 90 -15.90 -24.51 -19.89
CA ARG B 90 -15.14 -24.07 -21.05
CA ARG B 90 -15.14 -24.05 -21.04
C ARG B 90 -13.63 -24.16 -20.83
N ASN B 91 -13.21 -24.90 -19.80
CA ASN B 91 -11.79 -25.04 -19.48
C ASN B 91 -10.95 -25.41 -20.70
N ASP B 92 -11.36 -26.45 -21.42
CA ASP B 92 -10.51 -26.96 -22.50
C ASP B 92 -10.46 -25.98 -23.67
N GLU B 93 -11.60 -25.37 -24.00
CA GLU B 93 -11.63 -24.38 -25.06
C GLU B 93 -10.76 -23.18 -24.73
N LEU B 94 -10.87 -22.67 -23.50
CA LEU B 94 -10.06 -21.53 -23.08
C LEU B 94 -8.58 -21.90 -23.01
N ALA B 95 -8.29 -23.14 -22.62
CA ALA B 95 -6.90 -23.58 -22.55
C ALA B 95 -6.27 -23.64 -23.93
N ARG B 96 -7.02 -24.12 -24.92
CA ARG B 96 -6.52 -24.12 -26.29
C ARG B 96 -6.21 -22.70 -26.76
N LEU B 97 -7.09 -21.76 -26.47
CA LEU B 97 -6.86 -20.37 -26.85
C LEU B 97 -5.61 -19.83 -26.17
N GLU B 98 -5.48 -20.09 -24.86
CA GLU B 98 -4.30 -19.65 -24.13
C GLU B 98 -3.02 -20.25 -24.72
N THR B 99 -3.06 -21.52 -25.09
CA THR B 99 -1.90 -22.14 -25.73
C THR B 99 -1.54 -21.43 -27.03
N LEU B 100 -2.55 -21.14 -27.86
CA LEU B 100 -2.28 -20.43 -29.12
C LEU B 100 -1.64 -19.08 -28.87
N ASP B 101 -2.10 -18.38 -27.83
CA ASP B 101 -1.65 -17.01 -27.58
C ASP B 101 -0.31 -16.96 -26.87
N THR B 102 0.01 -17.96 -26.05
CA THR B 102 1.20 -17.91 -25.21
C THR B 102 2.31 -18.86 -25.62
N GLY B 103 2.01 -19.91 -26.37
CA GLY B 103 2.99 -20.94 -26.63
C GLY B 103 3.19 -21.91 -25.49
N LYS B 104 2.37 -21.84 -24.45
CA LYS B 104 2.52 -22.82 -23.36
C LYS B 104 1.80 -24.11 -23.73
N PRO B 105 2.38 -25.27 -23.41
CA PRO B 105 1.74 -26.54 -23.79
C PRO B 105 0.34 -26.67 -23.22
N LEU B 106 -0.55 -27.27 -24.03
CA LEU B 106 -1.91 -27.55 -23.56
C LEU B 106 -1.91 -28.43 -22.31
N SER B 107 -0.90 -29.29 -22.17
CA SER B 107 -0.79 -30.09 -20.95
C SER B 107 -0.65 -29.21 -19.71
N GLU B 108 -0.21 -27.97 -19.87
CA GLU B 108 -0.20 -27.01 -18.77
C GLU B 108 -1.50 -26.21 -18.71
N THR B 109 -1.89 -25.61 -19.84
CA THR B 109 -3.00 -24.65 -19.82
C THR B 109 -4.31 -25.35 -19.46
N ALA B 110 -4.48 -26.60 -19.89
CA ALA B 110 -5.72 -27.32 -19.57
C ALA B 110 -5.75 -27.79 -18.13
N ALA B 111 -4.60 -27.82 -17.44
CA ALA B 111 -4.54 -28.34 -16.09
C ALA B 111 -4.33 -27.26 -15.03
N VAL B 112 -3.83 -26.09 -15.42
CA VAL B 112 -3.38 -25.11 -14.43
C VAL B 112 -4.04 -23.75 -14.63
N ASP B 113 -3.96 -23.21 -15.84
CA ASP B 113 -4.27 -21.79 -16.04
C ASP B 113 -5.72 -21.46 -15.68
N ILE B 114 -6.68 -22.18 -16.27
CA ILE B 114 -8.07 -21.87 -15.94
C ILE B 114 -8.48 -22.57 -14.66
N VAL B 115 -7.95 -23.78 -14.41
CA VAL B 115 -8.27 -24.48 -13.17
C VAL B 115 -7.99 -23.59 -11.97
N THR B 116 -6.76 -23.05 -11.88
CA THR B 116 -6.35 -22.30 -10.70
C THR B 116 -6.85 -20.86 -10.71
N GLY B 117 -7.07 -20.30 -11.90
CA GLY B 117 -7.74 -19.02 -11.97
C GLY B 117 -9.16 -19.11 -11.41
N ALA B 118 -9.92 -20.10 -11.87
CA ALA B 118 -11.27 -20.29 -11.36
C ALA B 118 -11.28 -20.73 -9.90
N ASP B 119 -10.25 -21.45 -9.45
CA ASP B 119 -10.13 -21.79 -8.02
C ASP B 119 -10.16 -20.55 -7.15
N VAL B 120 -9.49 -19.49 -7.60
CA VAL B 120 -9.43 -18.26 -6.82
C VAL B 120 -10.76 -17.52 -6.91
N LEU B 121 -11.38 -17.48 -8.09
CA LEU B 121 -12.71 -16.87 -8.19
C LEU B 121 -13.72 -17.59 -7.32
N GLU B 122 -13.68 -18.93 -7.34
CA GLU B 122 -14.58 -19.73 -6.51
C GLU B 122 -14.34 -19.46 -5.02
N TYR B 123 -13.07 -19.38 -4.62
CA TYR B 123 -12.72 -19.04 -3.24
C TYR B 123 -13.35 -17.72 -2.83
N TYR B 124 -13.09 -16.66 -3.60
CA TYR B 124 -13.60 -15.36 -3.19
C TYR B 124 -15.11 -15.28 -3.25
N ALA B 125 -15.74 -15.98 -4.20
CA ALA B 125 -17.21 -15.94 -4.26
C ALA B 125 -17.82 -16.39 -2.93
N GLY B 126 -17.25 -17.42 -2.31
CA GLY B 126 -17.78 -17.89 -1.04
C GLY B 126 -17.47 -17.00 0.14
N LEU B 127 -16.46 -16.14 0.03
CA LEU B 127 -16.07 -15.29 1.14
C LEU B 127 -16.84 -14.00 1.23
N ILE B 128 -17.57 -13.60 0.18
CA ILE B 128 -18.23 -12.28 0.17
C ILE B 128 -19.10 -12.06 1.42
N PRO B 129 -19.94 -13.01 1.85
CA PRO B 129 -20.76 -12.76 3.05
C PRO B 129 -19.96 -12.62 4.33
N ALA B 130 -18.68 -13.00 4.34
CA ALA B 130 -17.86 -12.95 5.54
C ALA B 130 -17.04 -11.67 5.64
N LEU B 131 -17.14 -10.78 4.66
CA LEU B 131 -16.43 -9.51 4.72
C LEU B 131 -17.13 -8.60 5.74
N GLU B 132 -16.48 -8.34 6.87
CA GLU B 132 -17.09 -7.65 8.00
C GLU B 132 -16.19 -6.52 8.47
N GLY B 133 -16.81 -5.48 9.01
CA GLY B 133 -16.12 -4.44 9.75
C GLY B 133 -16.03 -4.81 11.22
N SER B 134 -15.73 -3.80 12.04
CA SER B 134 -15.51 -3.98 13.47
CA SER B 134 -15.53 -3.99 13.47
C SER B 134 -16.43 -3.06 14.25
N GLN B 135 -16.52 -3.31 15.56
CA GLN B 135 -17.18 -2.43 16.50
C GLN B 135 -16.31 -2.32 17.74
N ILE B 136 -16.08 -1.10 18.19
CA ILE B 136 -15.20 -0.82 19.31
C ILE B 136 -15.93 0.05 20.32
N PRO B 137 -16.21 -0.43 21.54
CA PRO B 137 -16.83 0.45 22.54
C PRO B 137 -15.77 1.38 23.16
N LEU B 138 -16.07 2.67 23.19
CA LEU B 138 -15.16 3.61 23.84
C LEU B 138 -15.54 3.85 25.30
N ARG B 139 -16.82 3.90 25.56
CA ARG B 139 -17.38 4.27 26.86
C ARG B 139 -18.88 4.07 26.72
N ASP B 140 -19.59 4.15 27.84
CA ASP B 140 -21.02 3.86 27.77
C ASP B 140 -21.73 4.76 26.75
N SER B 141 -21.25 6.00 26.57
CA SER B 141 -21.92 6.97 25.71
C SER B 141 -21.32 7.08 24.30
N SER B 142 -20.38 6.24 23.91
CA SER B 142 -19.81 6.39 22.57
C SER B 142 -19.18 5.08 22.11
N PHE B 143 -19.38 4.76 20.83
CA PHE B 143 -18.73 3.59 20.24
C PHE B 143 -18.33 3.93 18.81
N VAL B 144 -17.42 3.10 18.28
CA VAL B 144 -16.94 3.21 16.91
C VAL B 144 -17.37 1.94 16.17
N TYR B 145 -17.75 2.08 14.91
CA TYR B 145 -17.81 0.90 14.05
C TYR B 145 -17.15 1.25 12.73
N THR B 146 -16.65 0.22 12.06
CA THR B 146 -15.98 0.41 10.77
C THR B 146 -16.75 -0.31 9.68
N ARG B 147 -16.64 0.24 8.48
CA ARG B 147 -17.20 -0.35 7.27
C ARG B 147 -16.05 -0.64 6.33
N ARG B 148 -16.12 -1.77 5.64
CA ARG B 148 -15.15 -2.12 4.60
C ARG B 148 -15.79 -1.75 3.28
N GLU B 149 -15.53 -0.53 2.82
CA GLU B 149 -16.25 -0.05 1.65
C GLU B 149 -15.47 -0.36 0.37
N PRO B 150 -16.16 -0.55 -0.74
CA PRO B 150 -15.46 -0.70 -2.02
C PRO B 150 -14.60 0.53 -2.30
N LEU B 151 -13.47 0.28 -2.97
CA LEU B 151 -12.65 1.37 -3.49
C LEU B 151 -13.35 2.12 -4.61
N GLY B 152 -14.20 1.43 -5.36
CA GLY B 152 -14.93 2.02 -6.46
C GLY B 152 -14.53 1.36 -7.77
N VAL B 153 -13.83 2.10 -8.63
CA VAL B 153 -13.29 1.56 -9.87
C VAL B 153 -11.81 1.31 -9.67
N VAL B 154 -11.37 0.09 -9.95
CA VAL B 154 -9.96 -0.25 -9.83
C VAL B 154 -9.49 -0.78 -11.18
N ALA B 155 -8.17 -0.81 -11.37
CA ALA B 155 -7.59 -1.27 -12.62
C ALA B 155 -6.61 -2.40 -12.37
N GLY B 156 -6.67 -3.40 -13.24
CA GLY B 156 -5.71 -4.50 -13.22
C GLY B 156 -4.93 -4.46 -14.52
N ILE B 157 -3.62 -4.65 -14.42
CA ILE B 157 -2.73 -4.71 -15.58
C ILE B 157 -2.01 -6.04 -15.54
N GLY B 158 -2.27 -6.89 -16.53
CA GLY B 158 -1.81 -8.28 -16.50
C GLY B 158 -0.50 -8.49 -17.25
N ALA B 159 0.11 -9.65 -17.00
CA ALA B 159 1.33 -10.06 -17.66
C ALA B 159 1.01 -11.16 -18.67
N TRP B 160 2.01 -11.49 -19.49
CA TRP B 160 1.74 -12.39 -20.61
C TRP B 160 1.98 -13.85 -20.29
N ASN B 161 2.56 -14.19 -19.14
CA ASN B 161 2.92 -15.60 -18.95
C ASN B 161 1.73 -16.44 -18.48
N TYR B 162 0.81 -15.86 -17.70
CA TYR B 162 -0.40 -16.54 -17.27
C TYR B 162 -1.58 -15.61 -17.49
N PRO B 163 -1.96 -15.37 -18.75
CA PRO B 163 -2.90 -14.27 -19.06
C PRO B 163 -4.25 -14.36 -18.35
N ILE B 164 -4.95 -15.48 -18.50
CA ILE B 164 -6.28 -15.53 -17.90
C ILE B 164 -6.19 -15.83 -16.39
N GLN B 165 -5.16 -16.57 -15.96
CA GLN B 165 -5.00 -16.80 -14.52
C GLN B 165 -4.81 -15.47 -13.79
N ILE B 166 -3.96 -14.59 -14.33
CA ILE B 166 -3.75 -13.28 -13.71
C ILE B 166 -5.03 -12.46 -13.76
N ALA B 167 -5.75 -12.51 -14.89
CA ALA B 167 -7.00 -11.76 -14.98
C ALA B 167 -7.97 -12.21 -13.91
N LEU B 168 -8.01 -13.51 -13.63
CA LEU B 168 -8.91 -14.03 -12.60
C LEU B 168 -8.40 -13.69 -11.20
N TRP B 169 -7.10 -13.81 -10.97
CA TRP B 169 -6.58 -13.53 -9.64
C TRP B 169 -6.72 -12.05 -9.27
N LYS B 170 -6.70 -11.13 -10.24
CA LYS B 170 -6.94 -9.73 -9.89
C LYS B 170 -8.43 -9.41 -9.80
N SER B 171 -9.22 -9.89 -10.77
CA SER B 171 -10.63 -9.50 -10.82
C SER B 171 -11.46 -10.19 -9.73
N ALA B 172 -11.10 -11.42 -9.35
CA ALA B 172 -11.95 -12.13 -8.39
C ALA B 172 -12.05 -11.40 -7.05
N PRO B 173 -10.95 -11.04 -6.37
CA PRO B 173 -11.13 -10.30 -5.10
C PRO B 173 -11.64 -8.88 -5.32
N ALA B 174 -11.25 -8.24 -6.41
CA ALA B 174 -11.76 -6.90 -6.68
C ALA B 174 -13.27 -6.90 -6.82
N LEU B 175 -13.81 -7.84 -7.60
CA LEU B 175 -15.26 -7.93 -7.77
C LEU B 175 -15.94 -8.38 -6.48
N ALA B 176 -15.35 -9.37 -5.80
CA ALA B 176 -15.94 -9.88 -4.55
C ALA B 176 -16.02 -8.81 -3.48
N ALA B 177 -15.09 -7.84 -3.49
CA ALA B 177 -15.10 -6.71 -2.55
C ALA B 177 -16.07 -5.61 -2.94
N GLY B 178 -16.78 -5.75 -4.05
CA GLY B 178 -17.77 -4.77 -4.46
C GLY B 178 -17.29 -3.75 -5.47
N ASN B 179 -16.10 -3.93 -6.04
CA ASN B 179 -15.57 -2.97 -6.99
C ASN B 179 -15.94 -3.37 -8.41
N ALA B 180 -15.78 -2.40 -9.33
CA ALA B 180 -15.63 -2.66 -10.75
C ALA B 180 -14.15 -2.65 -11.08
N MET B 181 -13.73 -3.51 -12.01
CA MET B 181 -12.34 -3.53 -12.47
C MET B 181 -12.30 -3.32 -13.97
N ILE B 182 -11.42 -2.42 -14.41
CA ILE B 182 -10.99 -2.31 -15.80
C ILE B 182 -9.69 -3.10 -15.91
N PHE B 183 -9.65 -4.08 -16.81
CA PHE B 183 -8.49 -4.94 -16.95
C PHE B 183 -7.80 -4.70 -18.29
N LYS B 184 -6.49 -4.51 -18.24
CA LYS B 184 -5.68 -4.39 -19.45
C LYS B 184 -4.78 -5.60 -19.56
N PRO B 185 -5.01 -6.48 -20.53
CA PRO B 185 -4.12 -7.63 -20.71
C PRO B 185 -2.83 -7.19 -21.38
N SER B 186 -1.81 -8.03 -21.26
CA SER B 186 -0.57 -7.77 -21.97
C SER B 186 -0.85 -7.72 -23.48
N GLU B 187 -0.20 -6.76 -24.15
CA GLU B 187 -0.28 -6.72 -25.61
CA GLU B 187 -0.27 -6.71 -25.61
C GLU B 187 0.21 -8.01 -26.26
N VAL B 188 1.00 -8.80 -25.54
CA VAL B 188 1.49 -10.05 -26.11
C VAL B 188 0.38 -11.11 -26.12
N THR B 189 -0.58 -11.02 -25.18
CA THR B 189 -1.55 -12.09 -24.96
C THR B 189 -2.90 -11.51 -24.56
N PRO B 190 -3.58 -10.81 -25.48
CA PRO B 190 -4.82 -10.13 -25.11
C PRO B 190 -6.09 -10.98 -25.18
N LEU B 191 -6.02 -12.22 -25.68
CA LEU B 191 -7.23 -12.88 -26.17
C LEU B 191 -8.10 -13.48 -25.07
N THR B 192 -7.51 -14.16 -24.07
CA THR B 192 -8.38 -14.85 -23.11
C THR B 192 -9.08 -13.89 -22.16
N ALA B 193 -8.49 -12.72 -21.91
CA ALA B 193 -9.15 -11.77 -21.02
C ALA B 193 -10.47 -11.27 -21.60
N LEU B 194 -10.54 -11.13 -22.93
CA LEU B 194 -11.80 -10.78 -23.58
C LEU B 194 -12.84 -11.89 -23.39
N LYS B 195 -12.42 -13.15 -23.53
CA LYS B 195 -13.34 -14.27 -23.29
C LYS B 195 -13.85 -14.26 -21.84
N LEU B 196 -12.96 -13.97 -20.89
CA LEU B 196 -13.39 -13.86 -19.49
C LEU B 196 -14.48 -12.82 -19.31
N ALA B 197 -14.35 -11.66 -19.98
CA ALA B 197 -15.38 -10.63 -19.85
C ALA B 197 -16.72 -11.13 -20.38
N GLU B 198 -16.71 -11.88 -21.49
CA GLU B 198 -17.94 -12.50 -22.00
C GLU B 198 -18.56 -13.40 -20.95
N ILE B 199 -17.74 -14.25 -20.34
CA ILE B 199 -18.23 -15.21 -19.35
C ILE B 199 -18.83 -14.49 -18.14
N TYR B 200 -18.12 -13.48 -17.62
CA TYR B 200 -18.66 -12.72 -16.49
C TYR B 200 -20.04 -12.15 -16.83
N SER B 201 -20.19 -11.56 -18.02
CA SER B 201 -21.49 -11.00 -18.40
C SER B 201 -22.55 -12.09 -18.51
N GLU B 202 -22.19 -13.24 -19.10
CA GLU B 202 -23.14 -14.34 -19.22
C GLU B 202 -23.59 -14.82 -17.85
N ALA B 203 -22.71 -14.75 -16.85
CA ALA B 203 -23.04 -15.19 -15.51
C ALA B 203 -23.90 -14.18 -14.75
N GLY B 204 -24.13 -13.00 -15.31
CA GLY B 204 -24.95 -11.99 -14.66
C GLY B 204 -24.20 -10.83 -14.05
N LEU B 205 -22.89 -10.71 -14.28
CA LEU B 205 -22.18 -9.55 -13.77
C LEU B 205 -22.76 -8.30 -14.42
N PRO B 206 -23.11 -7.25 -13.65
CA PRO B 206 -23.68 -6.06 -14.26
C PRO B 206 -22.76 -5.43 -15.31
N ASP B 207 -23.39 -4.86 -16.34
CA ASP B 207 -22.65 -4.14 -17.35
C ASP B 207 -21.70 -3.13 -16.72
N GLY B 208 -20.45 -3.14 -17.20
CA GLY B 208 -19.44 -2.21 -16.73
C GLY B 208 -18.60 -2.69 -15.57
N VAL B 209 -19.01 -3.76 -14.88
CA VAL B 209 -18.28 -4.19 -13.68
C VAL B 209 -16.96 -4.88 -14.06
N PHE B 210 -16.87 -5.51 -15.24
CA PHE B 210 -15.58 -6.00 -15.72
C PHE B 210 -15.45 -5.61 -17.18
N ASN B 211 -14.66 -4.57 -17.43
CA ASN B 211 -14.35 -4.10 -18.78
C ASN B 211 -12.91 -4.48 -19.10
N VAL B 212 -12.63 -4.80 -20.37
CA VAL B 212 -11.31 -5.23 -20.81
C VAL B 212 -10.86 -4.31 -21.93
N LEU B 213 -9.69 -3.70 -21.75
CA LEU B 213 -9.14 -2.73 -22.70
C LEU B 213 -7.79 -3.24 -23.18
N PRO B 214 -7.74 -4.01 -24.27
CA PRO B 214 -6.45 -4.29 -24.89
C PRO B 214 -5.78 -3.01 -25.31
N GLY B 215 -4.45 -3.04 -25.34
CA GLY B 215 -3.69 -1.88 -25.77
C GLY B 215 -2.23 -2.14 -25.53
N ILE B 216 -1.45 -1.12 -25.76
CA ILE B 216 -0.03 -1.11 -25.47
C ILE B 216 0.20 -0.52 -24.08
N GLY B 217 1.25 -0.99 -23.40
CA GLY B 217 1.56 -0.45 -22.08
C GLY B 217 1.88 1.04 -22.12
N ALA B 218 2.73 1.44 -23.07
CA ALA B 218 3.08 2.86 -23.18
C ALA B 218 1.87 3.76 -23.43
N GLU B 219 0.72 3.19 -23.78
CA GLU B 219 -0.47 4.01 -24.03
C GLU B 219 -1.55 3.65 -23.02
N THR B 220 -2.28 2.58 -23.31
CA THR B 220 -3.44 2.19 -22.50
C THR B 220 -3.06 2.03 -21.02
N GLY B 221 -1.95 1.34 -20.76
CA GLY B 221 -1.54 1.17 -19.37
C GLY B 221 -1.33 2.51 -18.68
N GLN B 222 -0.65 3.43 -19.34
CA GLN B 222 -0.40 4.74 -18.74
C GLN B 222 -1.71 5.50 -18.52
N TYR B 223 -2.63 5.45 -19.49
CA TYR B 223 -3.89 6.16 -19.34
C TYR B 223 -4.63 5.68 -18.11
N LEU B 224 -4.52 4.38 -17.79
CA LEU B 224 -5.20 3.87 -16.60
C LEU B 224 -4.51 4.34 -15.34
N THR B 225 -3.17 4.32 -15.30
CA THR B 225 -2.48 4.73 -14.08
C THR B 225 -2.63 6.21 -13.81
N GLU B 226 -2.92 7.01 -14.84
CA GLU B 226 -3.10 8.44 -14.71
C GLU B 226 -4.55 8.86 -14.48
N HIS B 227 -5.51 7.98 -14.71
CA HIS B 227 -6.89 8.43 -14.73
C HIS B 227 -7.33 8.91 -13.35
N PRO B 228 -8.01 10.06 -13.26
CA PRO B 228 -8.31 10.62 -11.93
C PRO B 228 -9.36 9.83 -11.15
N ASP B 229 -10.16 8.99 -11.79
CA ASP B 229 -11.27 8.36 -11.08
C ASP B 229 -11.05 6.88 -10.81
N ILE B 230 -9.83 6.38 -11.01
CA ILE B 230 -9.49 5.01 -10.68
C ILE B 230 -8.79 5.01 -9.33
N ALA B 231 -9.27 4.18 -8.40
CA ALA B 231 -8.85 4.24 -7.01
C ALA B 231 -7.65 3.35 -6.70
N LYS B 232 -7.40 2.32 -7.50
CA LYS B 232 -6.33 1.38 -7.20
C LYS B 232 -5.82 0.76 -8.49
N ILE B 233 -4.51 0.54 -8.55
CA ILE B 233 -3.86 -0.12 -9.67
C ILE B 233 -3.23 -1.40 -9.15
N SER B 234 -3.50 -2.51 -9.81
CA SER B 234 -2.84 -3.77 -9.50
C SER B 234 -2.08 -4.23 -10.73
N PHE B 235 -0.77 -4.35 -10.61
CA PHE B 235 0.11 -4.63 -11.74
C PHE B 235 0.93 -5.89 -11.47
N THR B 236 1.04 -6.74 -12.48
CA THR B 236 1.92 -7.90 -12.46
C THR B 236 2.87 -7.80 -13.65
N GLY B 237 4.17 -7.92 -13.40
CA GLY B 237 5.11 -7.77 -14.50
C GLY B 237 6.53 -7.65 -14.00
N GLY B 238 7.36 -6.99 -14.81
CA GLY B 238 8.76 -6.90 -14.49
C GLY B 238 9.04 -5.93 -13.35
N VAL B 239 10.17 -6.17 -12.69
CA VAL B 239 10.58 -5.34 -11.55
C VAL B 239 10.72 -3.88 -11.97
N ALA B 240 11.39 -3.63 -13.10
CA ALA B 240 11.57 -2.25 -13.53
C ALA B 240 10.26 -1.60 -13.95
N SER B 241 9.42 -2.34 -14.67
CA SER B 241 8.12 -1.80 -15.08
C SER B 241 7.25 -1.47 -13.88
N GLY B 242 7.28 -2.33 -12.86
CA GLY B 242 6.48 -2.07 -11.67
C GLY B 242 6.84 -0.77 -10.98
N LYS B 243 8.13 -0.44 -10.92
CA LYS B 243 8.54 0.83 -10.34
C LYS B 243 7.92 2.00 -11.08
N LYS B 244 7.90 1.94 -12.43
CA LYS B 244 7.32 3.03 -13.21
C LYS B 244 5.81 3.10 -13.02
N VAL B 245 5.13 1.96 -13.01
CA VAL B 245 3.67 1.97 -12.85
C VAL B 245 3.30 2.52 -11.48
N MET B 246 4.00 2.09 -10.43
CA MET B 246 3.69 2.58 -9.09
C MET B 246 3.95 4.08 -8.99
N ALA B 247 5.08 4.54 -9.54
CA ALA B 247 5.39 5.96 -9.49
C ALA B 247 4.36 6.80 -10.25
N ASN B 248 3.91 6.33 -11.41
CA ASN B 248 2.88 7.05 -12.15
C ASN B 248 1.55 7.04 -11.42
N SER B 249 1.21 5.92 -10.77
CA SER B 249 -0.05 5.82 -10.05
C SER B 249 -0.10 6.79 -8.88
N ALA B 250 1.06 7.02 -8.26
CA ALA B 250 1.16 7.95 -7.13
C ALA B 250 1.09 9.39 -7.60
N ALA B 251 1.86 9.74 -8.64
CA ALA B 251 1.99 11.14 -9.03
C ALA B 251 0.68 11.69 -9.60
N SER B 252 -0.12 10.85 -10.25
CA SER B 252 -1.36 11.32 -10.86
C SER B 252 -2.41 11.65 -9.80
N SER B 253 -2.81 10.64 -9.02
CA SER B 253 -3.90 10.83 -8.06
C SER B 253 -3.73 10.01 -6.78
N LEU B 254 -2.51 9.61 -6.43
CA LEU B 254 -2.24 8.90 -5.18
C LEU B 254 -3.06 7.60 -5.09
N LYS B 255 -3.07 6.82 -6.17
CA LYS B 255 -3.83 5.58 -6.18
C LYS B 255 -3.22 4.56 -5.21
N GLU B 256 -4.08 3.76 -4.59
CA GLU B 256 -3.60 2.55 -3.93
C GLU B 256 -2.97 1.63 -4.98
N VAL B 257 -2.06 0.75 -4.54
CA VAL B 257 -1.26 -0.04 -5.48
C VAL B 257 -1.02 -1.45 -4.95
N THR B 258 -1.05 -2.43 -5.84
CA THR B 258 -0.51 -3.77 -5.63
C THR B 258 0.46 -4.04 -6.76
N MET B 259 1.65 -4.57 -6.44
CA MET B 259 2.64 -4.96 -7.43
C MET B 259 3.08 -6.40 -7.19
N GLU B 260 3.00 -7.24 -8.23
CA GLU B 260 3.48 -8.61 -8.21
C GLU B 260 4.56 -8.69 -9.29
N LEU B 261 5.82 -8.65 -8.89
CA LEU B 261 6.89 -8.47 -9.87
C LEU B 261 7.74 -9.75 -9.94
N GLY B 262 8.91 -9.63 -10.57
CA GLY B 262 9.77 -10.78 -10.79
C GLY B 262 10.60 -11.14 -9.56
N GLY B 263 11.42 -12.18 -9.73
CA GLY B 263 12.25 -12.66 -8.63
C GLY B 263 13.53 -13.30 -9.14
N LYS B 264 14.40 -13.69 -8.18
CA LYS B 264 15.54 -14.55 -8.44
C LYS B 264 15.60 -15.49 -7.23
N SER B 265 14.58 -16.31 -7.13
CA SER B 265 14.25 -17.02 -5.91
C SER B 265 15.24 -18.16 -5.67
N PRO B 266 15.71 -18.34 -4.44
CA PRO B 266 16.66 -19.41 -4.17
C PRO B 266 15.97 -20.70 -3.76
N LEU B 267 16.52 -21.80 -4.24
CA LEU B 267 16.15 -23.14 -3.79
C LEU B 267 17.35 -23.71 -3.03
N ILE B 268 17.18 -24.00 -1.75
CA ILE B 268 18.28 -24.46 -0.91
C ILE B 268 18.15 -25.97 -0.68
N ILE B 269 19.11 -26.72 -1.20
CA ILE B 269 19.17 -28.16 -0.99
CA ILE B 269 19.19 -28.17 -0.99
C ILE B 269 20.05 -28.43 0.23
N ALA B 270 19.45 -29.00 1.27
CA ALA B 270 20.23 -29.35 2.45
C ALA B 270 21.03 -30.64 2.19
N ASP B 271 22.09 -30.82 2.97
CA ASP B 271 22.95 -31.96 2.70
C ASP B 271 22.33 -33.28 3.16
N ASP B 272 21.16 -33.26 3.80
CA ASP B 272 20.44 -34.48 4.11
C ASP B 272 19.23 -34.69 3.19
N ALA B 273 19.13 -33.91 2.11
CA ALA B 273 18.05 -34.07 1.17
C ALA B 273 18.27 -35.29 0.27
N ASP B 274 17.19 -36.01 -0.02
CA ASP B 274 17.21 -37.01 -1.09
C ASP B 274 17.41 -36.28 -2.42
N LEU B 275 18.45 -36.67 -3.17
CA LEU B 275 18.80 -35.89 -4.35
C LEU B 275 17.86 -36.13 -5.52
N ASP B 276 17.16 -37.27 -5.59
CA ASP B 276 16.10 -37.41 -6.58
C ASP B 276 14.97 -36.41 -6.31
N LEU B 277 14.58 -36.26 -5.03
CA LEU B 277 13.58 -35.28 -4.68
C LEU B 277 14.07 -33.87 -4.98
N ALA B 278 15.30 -33.56 -4.57
CA ALA B 278 15.85 -32.23 -4.81
C ALA B 278 15.90 -31.91 -6.30
N ALA B 279 16.28 -32.88 -7.13
CA ALA B 279 16.34 -32.66 -8.57
C ALA B 279 14.94 -32.46 -9.15
N ASP B 280 13.96 -33.26 -8.72
CA ASP B 280 12.58 -33.07 -9.16
C ASP B 280 12.09 -31.66 -8.85
N ILE B 281 12.35 -31.19 -7.63
CA ILE B 281 11.90 -29.85 -7.25
C ILE B 281 12.62 -28.80 -8.07
N ALA B 282 13.93 -28.97 -8.26
CA ALA B 282 14.67 -28.01 -9.08
C ALA B 282 14.15 -27.97 -10.50
N MET B 283 13.79 -29.14 -11.05
CA MET B 283 13.28 -29.19 -12.41
C MET B 283 11.96 -28.44 -12.52
N MET B 284 11.03 -28.72 -11.62
CA MET B 284 9.74 -28.03 -11.65
C MET B 284 9.89 -26.55 -11.33
N ALA B 285 10.91 -26.17 -10.56
CA ALA B 285 11.11 -24.77 -10.22
C ALA B 285 11.80 -23.99 -11.32
N ASN B 286 12.19 -24.64 -12.42
CA ASN B 286 12.98 -23.95 -13.45
C ASN B 286 12.42 -24.07 -14.87
N PHE B 287 11.75 -25.17 -15.19
CA PHE B 287 11.43 -25.44 -16.59
C PHE B 287 9.93 -25.52 -16.88
N TYR B 288 9.08 -25.29 -15.89
CA TYR B 288 7.65 -25.16 -16.17
C TYR B 288 7.38 -23.86 -16.91
N SER B 289 6.43 -23.91 -17.83
CA SER B 289 6.11 -22.78 -18.71
C SER B 289 7.38 -22.24 -19.36
N SER B 290 8.28 -23.16 -19.75
CA SER B 290 9.54 -22.84 -20.40
C SER B 290 10.35 -21.82 -19.60
N GLY B 291 10.21 -21.86 -18.27
CA GLY B 291 10.97 -20.97 -17.41
C GLY B 291 10.40 -19.58 -17.28
N GLN B 292 9.17 -19.37 -17.72
CA GLN B 292 8.58 -18.03 -17.77
C GLN B 292 7.64 -17.82 -16.59
N VAL B 293 8.19 -17.95 -15.38
CA VAL B 293 7.42 -17.90 -14.15
C VAL B 293 8.16 -17.04 -13.13
N CYS B 294 7.46 -16.05 -12.56
CA CYS B 294 8.12 -15.08 -11.68
CA CYS B 294 8.12 -15.09 -11.69
C CYS B 294 8.72 -15.75 -10.46
N THR B 295 8.05 -16.78 -9.94
CA THR B 295 8.46 -17.46 -8.70
C THR B 295 9.51 -18.55 -8.90
N ASN B 296 10.07 -18.70 -10.09
CA ASN B 296 10.97 -19.84 -10.34
C ASN B 296 12.20 -19.79 -9.43
N GLY B 297 12.65 -20.97 -9.02
CA GLY B 297 13.80 -21.15 -8.15
C GLY B 297 15.08 -21.24 -8.95
N THR B 298 15.48 -20.11 -9.51
CA THR B 298 16.52 -20.07 -10.54
C THR B 298 17.93 -20.01 -9.98
N ARG B 299 18.10 -19.82 -8.68
CA ARG B 299 19.39 -20.03 -8.02
C ARG B 299 19.24 -21.27 -7.15
N VAL B 300 19.92 -22.35 -7.55
CA VAL B 300 19.81 -23.65 -6.88
C VAL B 300 21.10 -23.87 -6.12
N PHE B 301 21.01 -23.85 -4.79
CA PHE B 301 22.17 -23.99 -3.91
C PHE B 301 22.29 -25.44 -3.49
N VAL B 302 23.44 -26.04 -3.75
CA VAL B 302 23.67 -27.45 -3.47
CA VAL B 302 23.68 -27.45 -3.49
C VAL B 302 24.96 -27.60 -2.67
N PRO B 303 25.01 -28.47 -1.67
CA PRO B 303 26.26 -28.65 -0.92
C PRO B 303 27.36 -29.17 -1.85
N ALA B 304 28.57 -28.66 -1.64
CA ALA B 304 29.70 -29.03 -2.49
C ALA B 304 29.86 -30.54 -2.59
N LYS B 305 29.66 -31.27 -1.49
CA LYS B 305 29.86 -32.72 -1.50
C LYS B 305 28.77 -33.46 -2.28
N GLN B 306 27.62 -32.84 -2.53
CA GLN B 306 26.54 -33.45 -3.29
C GLN B 306 26.42 -32.90 -4.70
N LYS B 307 27.22 -31.90 -5.05
CA LYS B 307 26.95 -31.14 -6.27
C LYS B 307 27.14 -32.00 -7.53
N ALA B 308 28.20 -32.81 -7.56
CA ALA B 308 28.45 -33.65 -8.73
C ALA B 308 27.29 -34.63 -8.97
N GLU B 309 26.83 -35.29 -7.90
CA GLU B 309 25.70 -36.21 -8.07
C GLU B 309 24.44 -35.46 -8.46
N PHE B 310 24.24 -34.27 -7.88
CA PHE B 310 23.06 -33.48 -8.22
C PHE B 310 23.06 -33.08 -9.69
N GLU B 311 24.22 -32.66 -10.20
CA GLU B 311 24.32 -32.34 -11.62
C GLU B 311 23.90 -33.52 -12.50
N HIS B 312 24.40 -34.71 -12.17
CA HIS B 312 23.96 -35.92 -12.88
C HIS B 312 22.44 -36.07 -12.85
N LYS B 313 21.83 -35.90 -11.68
CA LYS B 313 20.39 -36.10 -11.59
C LYS B 313 19.62 -35.07 -12.40
N ILE B 314 20.14 -33.84 -12.49
CA ILE B 314 19.51 -32.85 -13.36
C ILE B 314 19.60 -33.28 -14.82
N LEU B 315 20.79 -33.69 -15.27
CA LEU B 315 20.94 -34.19 -16.63
C LEU B 315 19.97 -35.33 -16.91
N GLU B 316 19.78 -36.22 -15.94
CA GLU B 316 18.91 -37.36 -16.15
C GLU B 316 17.46 -36.93 -16.34
N ARG B 317 17.06 -35.82 -15.73
CA ARG B 317 15.69 -35.36 -15.85
C ARG B 317 15.50 -34.39 -17.02
N VAL B 318 16.54 -33.63 -17.36
CA VAL B 318 16.47 -32.81 -18.58
C VAL B 318 16.21 -33.68 -19.79
N ALA B 319 16.70 -34.92 -19.78
CA ALA B 319 16.41 -35.87 -20.86
C ALA B 319 14.92 -36.19 -20.97
N ARG B 320 14.13 -35.89 -19.94
CA ARG B 320 12.69 -36.11 -19.95
C ARG B 320 11.89 -34.88 -20.34
N ILE B 321 12.56 -33.80 -20.74
CA ILE B 321 11.85 -32.64 -21.27
C ILE B 321 11.50 -32.92 -22.72
N ARG B 322 10.22 -32.75 -23.06
CA ARG B 322 9.70 -33.09 -24.38
C ARG B 322 9.14 -31.85 -25.06
N PRO B 323 9.89 -31.24 -25.97
CA PRO B 323 9.31 -30.22 -26.84
C PRO B 323 8.64 -30.87 -28.04
N GLY B 324 7.60 -30.21 -28.53
CA GLY B 324 6.89 -30.73 -29.67
C GLY B 324 5.57 -30.02 -29.85
N ASP B 325 4.67 -30.69 -30.57
CA ASP B 325 3.31 -30.20 -30.78
C ASP B 325 2.70 -29.79 -29.46
N LEU B 326 2.34 -28.50 -29.34
CA LEU B 326 1.84 -28.01 -28.07
C LEU B 326 0.50 -28.62 -27.69
N PHE B 327 -0.21 -29.23 -28.64
CA PHE B 327 -1.47 -29.89 -28.36
C PHE B 327 -1.32 -31.39 -28.12
N ALA B 328 -0.10 -31.91 -28.19
CA ALA B 328 0.14 -33.32 -27.93
C ALA B 328 0.22 -33.58 -26.43
N ASP B 329 -0.26 -34.75 -26.02
CA ASP B 329 -0.44 -35.03 -24.60
C ASP B 329 0.89 -35.04 -23.86
N ASP B 330 1.95 -35.53 -24.49
CA ASP B 330 3.21 -35.70 -23.79
C ASP B 330 4.13 -34.50 -23.91
N THR B 331 3.78 -33.50 -24.72
CA THR B 331 4.58 -32.28 -24.76
C THR B 331 4.52 -31.56 -23.42
N ASN B 332 5.68 -31.20 -22.88
CA ASN B 332 5.73 -30.53 -21.59
C ASN B 332 6.66 -29.32 -21.61
N PHE B 333 6.96 -28.80 -22.80
CA PHE B 333 7.92 -27.72 -22.96
C PHE B 333 7.57 -26.98 -24.23
N GLY B 334 7.45 -25.66 -24.15
CA GLY B 334 7.05 -24.88 -25.30
C GLY B 334 8.09 -23.86 -25.73
N PRO B 335 7.81 -23.14 -26.81
CA PRO B 335 8.64 -22.00 -27.17
C PRO B 335 8.45 -20.88 -26.16
N LEU B 336 9.36 -19.93 -26.20
CA LEU B 336 9.14 -18.72 -25.42
C LEU B 336 8.03 -17.89 -26.07
N VAL B 337 7.54 -16.91 -25.32
CA VAL B 337 6.34 -16.20 -25.77
C VAL B 337 6.59 -15.37 -27.03
N SER B 338 7.84 -14.99 -27.31
CA SER B 338 8.10 -14.07 -28.40
C SER B 338 9.57 -14.17 -28.82
N PHE B 339 9.84 -13.75 -30.03
CA PHE B 339 11.20 -13.83 -30.55
C PHE B 339 12.12 -12.78 -29.91
N PRO B 340 11.65 -11.55 -29.64
CA PRO B 340 12.50 -10.63 -28.86
C PRO B 340 12.80 -11.14 -27.47
N HIS B 341 11.88 -11.84 -26.84
CA HIS B 341 12.17 -12.42 -25.53
C HIS B 341 13.26 -13.48 -25.64
N ARG B 342 13.14 -14.37 -26.63
CA ARG B 342 14.20 -15.34 -26.85
C ARG B 342 15.55 -14.65 -27.06
N ASP B 343 15.58 -13.56 -27.84
CA ASP B 343 16.83 -12.85 -28.04
C ASP B 343 17.42 -12.38 -26.72
N ASN B 344 16.57 -11.90 -25.81
CA ASN B 344 17.08 -11.49 -24.49
C ASN B 344 17.59 -12.69 -23.69
N VAL B 345 16.85 -13.80 -23.70
CA VAL B 345 17.27 -14.98 -22.96
C VAL B 345 18.59 -15.52 -23.52
N LEU B 346 18.75 -15.48 -24.85
CA LEU B 346 20.02 -15.92 -25.44
C LEU B 346 21.16 -15.00 -25.07
N ARG B 347 20.88 -13.70 -24.93
CA ARG B 347 21.91 -12.78 -24.47
C ARG B 347 22.37 -13.10 -23.06
N TYR B 348 21.43 -13.47 -22.19
CA TYR B 348 21.81 -13.87 -20.84
C TYR B 348 22.66 -15.14 -20.85
N ILE B 349 22.27 -16.12 -21.69
CA ILE B 349 23.02 -17.36 -21.79
C ILE B 349 24.44 -17.08 -22.28
N GLU B 350 24.58 -16.24 -23.30
CA GLU B 350 25.92 -15.90 -23.77
C GLU B 350 26.73 -15.23 -22.67
N SER B 351 26.07 -14.43 -21.82
CA SER B 351 26.79 -13.80 -20.72
C SER B 351 27.29 -14.83 -19.71
N GLY B 352 26.49 -15.88 -19.45
CA GLY B 352 26.95 -16.93 -18.56
C GLY B 352 28.20 -17.63 -19.08
N LYS B 353 28.20 -17.96 -20.36
CA LYS B 353 29.39 -18.54 -20.99
C LYS B 353 30.57 -17.58 -20.88
N ARG B 354 30.34 -16.32 -21.22
CA ARG B 354 31.42 -15.34 -21.25
C ARG B 354 31.98 -15.07 -19.85
N GLU B 355 31.15 -15.20 -18.81
CA GLU B 355 31.60 -14.94 -17.45
C GLU B 355 32.14 -16.18 -16.75
N GLY B 356 32.22 -17.31 -17.44
CA GLY B 356 32.92 -18.47 -16.92
C GLY B 356 32.05 -19.51 -16.25
N ALA B 357 30.73 -19.37 -16.27
CA ALA B 357 29.88 -20.45 -15.81
C ALA B 357 30.06 -21.67 -16.71
N ARG B 358 29.89 -22.86 -16.12
CA ARG B 358 30.03 -24.10 -16.87
C ARG B 358 28.68 -24.50 -17.44
N LEU B 359 28.60 -24.62 -18.76
CA LEU B 359 27.38 -25.05 -19.41
C LEU B 359 27.19 -26.55 -19.21
N LEU B 360 26.16 -26.92 -18.46
CA LEU B 360 25.90 -28.34 -18.24
C LEU B 360 25.05 -28.93 -19.36
N CYS B 361 24.08 -28.16 -19.88
CA CYS B 361 23.30 -28.60 -21.02
C CYS B 361 22.59 -27.38 -21.61
N GLY B 362 22.09 -27.55 -22.83
CA GLY B 362 21.35 -26.49 -23.49
C GLY B 362 22.27 -25.40 -24.00
N GLY B 363 21.84 -24.16 -23.83
CA GLY B 363 22.66 -23.02 -24.18
C GLY B 363 22.44 -22.46 -25.57
N GLU B 364 21.42 -22.93 -26.28
CA GLU B 364 21.21 -22.53 -27.66
C GLU B 364 19.73 -22.60 -27.99
N ALA B 365 19.37 -21.89 -29.06
CA ALA B 365 18.03 -22.04 -29.62
C ALA B 365 17.85 -23.45 -30.18
N LEU B 366 16.60 -23.91 -30.17
CA LEU B 366 16.27 -25.17 -30.83
C LEU B 366 16.03 -24.91 -32.30
N LYS B 367 16.59 -25.76 -33.16
CA LYS B 367 16.49 -25.58 -34.59
C LYS B 367 16.03 -26.88 -35.23
N GLY B 368 15.47 -26.76 -36.43
CA GLY B 368 15.11 -27.92 -37.21
C GLY B 368 13.62 -28.09 -37.41
N ASP B 369 13.22 -29.33 -37.66
CA ASP B 369 11.85 -29.64 -38.04
C ASP B 369 10.91 -29.40 -36.86
N GLY B 370 9.94 -28.51 -37.07
CA GLY B 370 8.98 -28.19 -36.03
C GLY B 370 9.45 -27.17 -35.01
N PHE B 371 10.65 -26.61 -35.20
CA PHE B 371 11.17 -25.59 -34.29
C PHE B 371 11.54 -24.29 -34.98
N ASP B 372 11.75 -24.31 -36.30
CA ASP B 372 12.30 -23.15 -36.99
C ASP B 372 11.33 -21.97 -37.04
N ASN B 373 10.04 -22.19 -36.77
CA ASN B 373 9.06 -21.12 -36.82
C ASN B 373 8.63 -20.64 -35.44
N GLY B 374 9.18 -21.21 -34.38
CA GLY B 374 8.86 -20.78 -33.03
C GLY B 374 10.07 -20.26 -32.29
N SER B 375 9.84 -19.54 -31.20
CA SER B 375 10.93 -18.92 -30.45
C SER B 375 11.45 -19.86 -29.36
N TRP B 376 11.99 -20.99 -29.80
CA TRP B 376 12.40 -22.05 -28.90
C TRP B 376 13.81 -21.82 -28.36
N VAL B 377 13.97 -22.04 -27.06
CA VAL B 377 15.27 -22.08 -26.39
C VAL B 377 15.41 -23.43 -25.71
N ALA B 378 16.57 -24.06 -25.88
CA ALA B 378 16.81 -25.34 -25.23
C ALA B 378 16.83 -25.16 -23.71
N PRO B 379 16.32 -26.13 -22.96
CA PRO B 379 16.46 -26.08 -21.49
C PRO B 379 17.93 -26.01 -21.12
N THR B 380 18.29 -24.99 -20.36
CA THR B 380 19.69 -24.65 -20.15
C THR B 380 20.00 -24.71 -18.66
N VAL B 381 21.12 -25.36 -18.33
CA VAL B 381 21.61 -25.46 -16.96
C VAL B 381 23.06 -24.98 -16.94
N PHE B 382 23.35 -24.02 -16.07
CA PHE B 382 24.71 -23.60 -15.77
C PHE B 382 25.08 -24.07 -14.37
N THR B 383 26.32 -24.51 -14.20
CA THR B 383 26.83 -24.86 -12.89
C THR B 383 28.17 -24.19 -12.69
N ASP B 384 28.79 -24.44 -11.54
CA ASP B 384 30.01 -23.72 -11.11
C ASP B 384 29.76 -22.21 -11.13
N CYS B 385 28.54 -21.81 -10.79
CA CYS B 385 28.20 -20.39 -10.81
C CYS B 385 28.70 -19.68 -9.55
N SER B 386 28.78 -18.36 -9.65
CA SER B 386 29.20 -17.52 -8.54
C SER B 386 28.26 -16.33 -8.43
N ASP B 387 28.24 -15.74 -7.23
CA ASP B 387 27.21 -14.77 -6.86
C ASP B 387 27.25 -13.49 -7.66
N GLU B 388 28.38 -13.16 -8.28
CA GLU B 388 28.54 -11.92 -9.04
CA GLU B 388 28.44 -11.90 -9.02
C GLU B 388 28.18 -12.08 -10.51
N MET B 389 27.91 -13.30 -10.97
CA MET B 389 27.60 -13.52 -12.36
C MET B 389 26.26 -12.92 -12.72
N THR B 390 26.18 -12.40 -13.95
CA THR B 390 24.95 -11.75 -14.42
C THR B 390 23.77 -12.72 -14.40
N ILE B 391 24.00 -13.97 -14.84
CA ILE B 391 22.91 -14.94 -14.83
C ILE B 391 22.47 -15.30 -13.41
N VAL B 392 23.33 -15.10 -12.42
CA VAL B 392 22.92 -15.36 -11.03
C VAL B 392 22.23 -14.14 -10.42
N ARG B 393 22.62 -12.94 -10.82
CA ARG B 393 22.10 -11.72 -10.21
C ARG B 393 20.77 -11.26 -10.79
N GLU B 394 20.46 -11.61 -12.04
CA GLU B 394 19.35 -10.99 -12.76
C GLU B 394 18.31 -12.03 -13.19
N GLU B 395 17.04 -11.64 -13.11
CA GLU B 395 15.95 -12.50 -13.58
C GLU B 395 16.04 -12.66 -15.09
N ILE B 396 16.00 -13.90 -15.55
CA ILE B 396 16.14 -14.21 -16.97
C ILE B 396 14.78 -14.44 -17.63
N PHE B 397 13.87 -15.11 -16.92
CA PHE B 397 12.51 -15.36 -17.40
C PHE B 397 12.53 -16.28 -18.62
N GLY B 398 13.49 -17.21 -18.61
CA GLY B 398 13.53 -18.29 -19.56
C GLY B 398 14.05 -19.54 -18.88
N PRO B 399 14.27 -20.61 -19.64
CA PRO B 399 14.70 -21.89 -19.04
C PRO B 399 16.20 -21.94 -18.80
N VAL B 400 16.65 -21.26 -17.74
CA VAL B 400 18.07 -21.19 -17.40
C VAL B 400 18.20 -21.36 -15.89
N MET B 401 18.68 -22.52 -15.46
CA MET B 401 18.94 -22.83 -14.07
C MET B 401 20.41 -22.51 -13.75
N SER B 402 20.66 -21.88 -12.61
CA SER B 402 22.03 -21.63 -12.14
C SER B 402 22.27 -22.43 -10.87
N ILE B 403 23.28 -23.31 -10.91
CA ILE B 403 23.60 -24.18 -9.78
C ILE B 403 24.82 -23.61 -9.06
N LEU B 404 24.68 -23.43 -7.75
CA LEU B 404 25.69 -22.78 -6.92
C LEU B 404 26.12 -23.69 -5.77
N SER B 405 27.41 -23.99 -5.71
CA SER B 405 27.95 -24.75 -4.59
C SER B 405 27.94 -23.91 -3.31
N TYR B 406 27.62 -24.55 -2.17
CA TYR B 406 27.78 -23.87 -0.89
C TYR B 406 28.35 -24.84 0.14
N ALA B 407 28.82 -24.27 1.25
CA ALA B 407 29.56 -25.04 2.24
C ALA B 407 28.83 -25.23 3.56
N ASP B 408 28.09 -24.23 4.04
CA ASP B 408 27.45 -24.37 5.33
C ASP B 408 26.15 -23.56 5.37
N GLU B 409 25.36 -23.83 6.42
CA GLU B 409 24.00 -23.30 6.50
C GLU B 409 23.99 -21.78 6.61
N ALA B 410 24.81 -21.22 7.50
CA ALA B 410 24.83 -19.77 7.64
C ALA B 410 25.19 -19.10 6.33
N GLU B 411 26.17 -19.65 5.62
CA GLU B 411 26.59 -19.08 4.34
C GLU B 411 25.45 -19.05 3.34
N VAL B 412 24.75 -20.19 3.18
CA VAL B 412 23.72 -20.26 2.14
C VAL B 412 22.56 -19.34 2.46
N ILE B 413 22.24 -19.15 3.74
CA ILE B 413 21.19 -18.20 4.11
C ILE B 413 21.61 -16.79 3.72
N ARG B 414 22.85 -16.41 4.04
CA ARG B 414 23.35 -15.10 3.65
C ARG B 414 23.23 -14.91 2.14
N ARG B 415 23.72 -15.89 1.38
CA ARG B 415 23.77 -15.76 -0.07
C ARG B 415 22.38 -15.78 -0.69
N ALA B 416 21.47 -16.58 -0.12
CA ALA B 416 20.09 -16.57 -0.59
C ALA B 416 19.46 -15.19 -0.43
N ASN B 417 19.74 -14.53 0.70
CA ASN B 417 19.11 -13.25 1.00
C ASN B 417 19.81 -12.06 0.33
N ALA B 418 21.03 -12.24 -0.18
CA ALA B 418 21.85 -11.13 -0.70
C ALA B 418 21.41 -10.80 -2.14
N THR B 419 20.21 -10.25 -2.23
CA THR B 419 19.58 -9.89 -3.50
C THR B 419 18.53 -8.83 -3.22
N GLU B 420 18.27 -7.99 -4.23
CA GLU B 420 17.16 -7.04 -4.15
C GLU B 420 15.82 -7.69 -4.40
N TYR B 421 15.80 -8.86 -5.04
CA TYR B 421 14.56 -9.61 -5.21
C TYR B 421 14.13 -10.21 -3.86
N GLY B 422 12.89 -10.68 -3.82
CA GLY B 422 12.39 -11.30 -2.60
C GLY B 422 11.05 -11.96 -2.76
N LEU B 423 10.85 -12.64 -3.90
CA LEU B 423 9.51 -13.14 -4.19
C LEU B 423 9.26 -14.49 -3.53
N ALA B 424 10.05 -15.50 -3.88
CA ALA B 424 9.85 -16.84 -3.36
C ALA B 424 11.17 -17.42 -2.87
N ALA B 425 11.08 -18.58 -2.22
CA ALA B 425 12.25 -19.33 -1.76
C ALA B 425 11.78 -20.71 -1.36
N GLY B 426 12.72 -21.63 -1.25
CA GLY B 426 12.38 -22.97 -0.80
C GLY B 426 13.56 -23.70 -0.21
N VAL B 427 13.25 -24.75 0.55
CA VAL B 427 14.29 -25.61 1.10
C VAL B 427 13.85 -27.05 0.93
N VAL B 428 14.83 -27.93 0.71
CA VAL B 428 14.62 -29.37 0.60
C VAL B 428 15.40 -30.02 1.75
N THR B 429 14.66 -30.58 2.73
CA THR B 429 15.31 -31.29 3.83
C THR B 429 14.27 -32.14 4.53
N PRO B 430 14.61 -33.36 4.95
CA PRO B 430 13.69 -34.15 5.77
C PRO B 430 13.70 -33.77 7.24
N ASN B 431 14.60 -32.89 7.65
CA ASN B 431 14.84 -32.57 9.04
C ASN B 431 13.88 -31.48 9.50
N LEU B 432 13.16 -31.74 10.60
CA LEU B 432 12.18 -30.78 11.12
C LEU B 432 12.82 -29.43 11.40
N ASN B 433 13.93 -29.41 12.15
CA ASN B 433 14.52 -28.16 12.59
C ASN B 433 15.08 -27.38 11.41
N ARG B 434 15.84 -28.05 10.53
CA ARG B 434 16.40 -27.37 9.37
C ARG B 434 15.30 -26.71 8.55
N ALA B 435 14.21 -27.43 8.31
CA ALA B 435 13.17 -26.96 7.41
C ALA B 435 12.59 -25.64 7.87
N HIS B 436 12.15 -25.58 9.13
CA HIS B 436 11.53 -24.36 9.63
C HIS B 436 12.55 -23.28 9.93
N ARG B 437 13.68 -23.62 10.56
CA ARG B 437 14.59 -22.56 10.95
C ARG B 437 15.23 -21.88 9.74
N ILE B 438 15.51 -22.63 8.67
CA ILE B 438 16.04 -22.01 7.46
C ILE B 438 14.97 -21.14 6.81
N ILE B 439 13.76 -21.66 6.66
CA ILE B 439 12.72 -20.90 5.97
C ILE B 439 12.42 -19.61 6.73
N HIS B 440 12.43 -19.65 8.07
CA HIS B 440 12.12 -18.45 8.83
C HIS B 440 13.12 -17.33 8.59
N GLN B 441 14.31 -17.64 8.10
CA GLN B 441 15.33 -16.62 7.90
C GLN B 441 15.38 -16.07 6.48
N LEU B 442 14.60 -16.62 5.54
CA LEU B 442 14.70 -16.20 4.15
C LEU B 442 13.82 -14.98 3.90
N GLU B 443 14.33 -14.03 3.12
CA GLU B 443 13.64 -12.76 2.88
C GLU B 443 12.82 -12.84 1.60
N ALA B 444 11.73 -13.62 1.68
CA ALA B 444 10.84 -13.84 0.55
C ALA B 444 9.43 -14.03 1.10
N GLY B 445 8.42 -13.66 0.29
CA GLY B 445 7.04 -13.78 0.72
C GLY B 445 6.40 -15.14 0.51
N ILE B 446 6.99 -15.99 -0.34
CA ILE B 446 6.38 -17.26 -0.73
C ILE B 446 7.43 -18.34 -0.52
N CYS B 447 7.22 -19.24 0.43
CA CYS B 447 8.26 -20.21 0.79
C CYS B 447 7.71 -21.63 0.74
N TRP B 448 8.46 -22.52 0.09
CA TRP B 448 8.04 -23.91 -0.07
C TRP B 448 9.03 -24.83 0.63
N ILE B 449 8.49 -25.78 1.40
CA ILE B 449 9.30 -26.83 2.02
C ILE B 449 9.00 -28.13 1.30
N ASN B 450 10.05 -28.72 0.69
CA ASN B 450 9.97 -30.00 -0.01
C ASN B 450 8.92 -29.99 -1.12
N SER B 451 8.80 -28.84 -1.77
CA SER B 451 7.89 -28.68 -2.90
C SER B 451 8.29 -27.40 -3.62
N TRP B 452 7.56 -27.09 -4.70
CA TRP B 452 7.70 -25.81 -5.38
C TRP B 452 6.42 -25.54 -6.17
N GLY B 453 5.98 -24.28 -6.17
CA GLY B 453 5.07 -23.79 -7.19
C GLY B 453 3.60 -23.75 -6.79
N GLU B 454 3.17 -24.56 -5.83
CA GLU B 454 1.75 -24.60 -5.50
C GLU B 454 1.33 -23.30 -4.81
N SER B 455 0.23 -22.71 -5.28
CA SER B 455 -0.22 -21.39 -4.84
C SER B 455 -1.70 -21.48 -4.52
N PRO B 456 -2.06 -22.08 -3.38
CA PRO B 456 -3.49 -22.25 -3.04
C PRO B 456 -4.22 -20.92 -2.94
N ALA B 457 -5.51 -20.93 -3.28
CA ALA B 457 -6.31 -19.70 -3.19
C ALA B 457 -6.26 -19.10 -1.78
N GLU B 458 -6.11 -19.95 -0.75
CA GLU B 458 -6.08 -19.50 0.64
C GLU B 458 -4.80 -18.78 1.02
N MET B 459 -3.72 -18.94 0.24
CA MET B 459 -2.39 -18.56 0.68
C MET B 459 -2.01 -17.21 0.11
N PRO B 460 -1.83 -16.16 0.92
CA PRO B 460 -1.40 -14.87 0.36
C PRO B 460 -0.02 -14.98 -0.25
N VAL B 461 0.17 -14.37 -1.42
CA VAL B 461 1.44 -14.47 -2.13
C VAL B 461 1.84 -13.09 -2.65
N GLY B 462 3.13 -12.80 -2.56
CA GLY B 462 3.66 -11.53 -3.02
C GLY B 462 5.09 -11.41 -2.55
N GLY B 463 5.70 -10.29 -2.93
CA GLY B 463 7.14 -10.15 -2.79
C GLY B 463 7.58 -9.26 -1.64
N TYR B 464 8.76 -9.61 -1.09
CA TYR B 464 9.57 -8.71 -0.29
C TYR B 464 10.41 -7.82 -1.19
N LYS B 465 10.89 -6.71 -0.63
CA LYS B 465 11.91 -5.85 -1.25
C LYS B 465 11.45 -5.45 -2.66
N HIS B 466 12.29 -5.62 -3.70
CA HIS B 466 11.92 -5.12 -5.02
C HIS B 466 10.93 -6.00 -5.74
N SER B 467 10.51 -7.13 -5.16
CA SER B 467 9.66 -8.06 -5.87
C SER B 467 8.17 -7.79 -5.71
N GLY B 468 7.76 -6.82 -4.90
CA GLY B 468 6.34 -6.55 -4.88
C GLY B 468 5.91 -5.59 -3.79
N ILE B 469 4.65 -5.19 -3.92
CA ILE B 469 3.91 -4.39 -2.94
C ILE B 469 2.58 -5.09 -2.72
N GLY B 470 2.23 -5.35 -1.46
CA GLY B 470 0.96 -6.00 -1.19
C GLY B 470 0.96 -7.47 -1.56
N ARG B 471 -0.24 -8.04 -1.54
CA ARG B 471 -0.39 -9.48 -1.73
C ARG B 471 -1.58 -9.74 -2.64
N GLU B 472 -1.62 -10.95 -3.20
CA GLU B 472 -2.79 -11.53 -3.85
C GLU B 472 -3.12 -12.85 -3.18
N ASN B 473 -4.39 -13.29 -3.34
CA ASN B 473 -4.95 -14.49 -2.72
C ASN B 473 -5.03 -14.37 -1.20
N GLY B 474 -5.68 -15.37 -0.57
CA GLY B 474 -5.95 -15.30 0.86
C GLY B 474 -7.05 -14.33 1.27
N VAL B 475 -7.51 -14.45 2.51
CA VAL B 475 -8.53 -13.54 3.03
CA VAL B 475 -8.54 -13.53 3.00
C VAL B 475 -8.06 -12.09 2.92
N MET B 476 -6.75 -11.86 3.14
CA MET B 476 -6.27 -10.49 3.25
C MET B 476 -6.46 -9.71 1.95
N THR B 477 -6.44 -10.40 0.81
CA THR B 477 -6.58 -9.67 -0.46
C THR B 477 -8.03 -9.26 -0.73
N LEU B 478 -9.01 -10.03 -0.26
CA LEU B 478 -10.38 -9.51 -0.28
C LEU B 478 -10.47 -8.21 0.50
N GLN B 479 -9.87 -8.19 1.68
CA GLN B 479 -9.90 -7.00 2.53
C GLN B 479 -9.15 -5.84 1.90
N SER B 480 -8.03 -6.11 1.22
CA SER B 480 -7.26 -5.02 0.64
C SER B 480 -7.89 -4.45 -0.64
N TYR B 481 -8.96 -5.07 -1.17
CA TYR B 481 -9.75 -4.39 -2.19
C TYR B 481 -10.93 -3.61 -1.60
N THR B 482 -10.95 -3.43 -0.29
CA THR B 482 -11.84 -2.49 0.36
C THR B 482 -11.00 -1.41 1.03
N GLN B 483 -11.67 -0.33 1.44
CA GLN B 483 -11.05 0.72 2.22
C GLN B 483 -11.84 0.87 3.51
N VAL B 484 -11.15 1.15 4.59
CA VAL B 484 -11.76 1.21 5.91
C VAL B 484 -12.32 2.60 6.14
N LYS B 485 -13.59 2.69 6.53
CA LYS B 485 -14.19 3.91 7.07
C LYS B 485 -14.45 3.68 8.55
N SER B 486 -13.91 4.54 9.41
CA SER B 486 -14.24 4.54 10.83
C SER B 486 -15.32 5.56 11.12
N ILE B 487 -16.31 5.16 11.92
CA ILE B 487 -17.46 5.98 12.26
C ILE B 487 -17.59 6.01 13.78
N GLN B 488 -17.49 7.20 14.37
CA GLN B 488 -17.74 7.36 15.80
C GLN B 488 -19.15 7.87 16.02
N VAL B 489 -19.92 7.15 16.83
CA VAL B 489 -21.23 7.59 17.30
C VAL B 489 -21.02 8.19 18.69
N GLU B 490 -21.20 9.51 18.82
CA GLU B 490 -21.11 10.19 20.11
C GLU B 490 -22.52 10.45 20.62
N MET B 491 -22.91 9.76 21.69
CA MET B 491 -24.22 9.93 22.29
C MET B 491 -24.21 10.85 23.50
N GLY B 492 -23.03 11.19 24.04
CA GLY B 492 -22.94 12.19 25.07
C GLY B 492 -23.00 13.57 24.47
N LYS B 493 -23.08 14.58 25.33
CA LYS B 493 -23.18 15.96 24.85
C LYS B 493 -21.80 16.49 24.51
N PHE B 494 -21.61 16.86 23.24
CA PHE B 494 -20.31 17.32 22.78
C PHE B 494 -19.88 18.58 23.53
N GLN B 495 -18.62 18.63 23.92
CA GLN B 495 -18.06 19.76 24.64
C GLN B 495 -17.11 20.54 23.73
N SER B 496 -17.35 21.84 23.59
CA SER B 496 -16.42 22.72 22.92
C SER B 496 -15.66 23.54 23.97
N ILE B 497 -14.38 23.78 23.69
CA ILE B 497 -13.59 24.62 24.59
C ILE B 497 -13.73 26.10 24.28
N PHE B 498 -14.41 26.46 23.21
CA PHE B 498 -14.58 27.85 22.85
C PHE B 498 -15.89 28.40 23.41
C1 MPD C . 13.13 -8.28 6.84
C2 MPD C . 13.69 -8.94 8.10
O2 MPD C . 12.64 -8.91 9.12
CM MPD C . 14.88 -8.13 8.61
C3 MPD C . 14.16 -10.37 7.80
C4 MPD C . 13.20 -11.52 8.09
O4 MPD C . 11.86 -11.11 8.01
C5 MPD C . 13.45 -12.70 7.16
C ACT D . -25.17 19.67 -6.83
O ACT D . -26.37 19.97 -6.51
OXT ACT D . -24.58 18.54 -6.81
CH3 ACT D . -24.30 20.89 -7.30
C1 MRD E . -32.66 20.31 4.74
C2 MRD E . -33.11 18.90 4.40
O2 MRD E . -33.61 18.91 3.05
CM MRD E . -34.28 18.49 5.29
C3 MRD E . -31.97 17.89 4.47
C4 MRD E . -31.61 17.47 5.89
O4 MRD E . -30.97 18.54 6.57
C5 MRD E . -30.75 16.24 5.93
C1 MPD F . -16.10 4.97 -3.27
C2 MPD F . -17.51 4.37 -3.22
O2 MPD F . -17.43 3.02 -2.70
CM MPD F . -18.08 4.34 -4.64
C3 MPD F . -18.42 5.27 -2.36
C4 MPD F . -18.63 4.81 -0.93
O4 MPD F . -17.62 3.92 -0.50
C5 MPD F . -18.73 5.98 0.06
C ACT G . 28.89 -14.94 2.16
O ACT G . 29.48 -16.02 2.50
OXT ACT G . 27.95 -14.33 2.73
CH3 ACT G . 29.46 -14.28 0.85
C1 MRD H . 26.08 -28.51 4.40
C2 MRD H . 25.65 -28.04 5.78
O2 MRD H . 26.73 -27.28 6.33
CM MRD H . 25.42 -29.23 6.71
C3 MRD H . 24.40 -27.14 5.73
C4 MRD H . 23.10 -27.90 5.55
O4 MRD H . 23.04 -28.44 4.24
C5 MRD H . 21.87 -27.07 5.82
#